data_5HKP
#
_entry.id   5HKP
#
_cell.length_a   134.995
_cell.length_b   100.069
_cell.length_c   75.951
_cell.angle_alpha   90.000
_cell.angle_beta   107.540
_cell.angle_gamma   90.000
#
_symmetry.space_group_name_H-M   'C 1 2 1'
#
loop_
_entity.id
_entity.type
_entity.pdbx_description
1 polymer Tankyrase-1
2 polymer 'Telomeric repeat-binding factor 1'
3 water water
#
loop_
_entity_poly.entity_id
_entity_poly.type
_entity_poly.pdbx_seq_one_letter_code
_entity_poly.pdbx_strand_id
1 'polypeptide(L)'
;GEFGKSALDLADPSAKAVLTGEYKKDELLEAARSGNEEKLMALLTPLNVNCHASDGRKSTPLHLAAGYNRVRIVQLLLQH
GADVHAKDKGGLVPLHNACSYGHYEVTELLLKHGACVNAMDLWQFTPLHEAASKNRVEVCSLLLSHGADPTLVNCHGKSA
VDMAPTPELRERLTYEFKGHSLLQAAREADLAKVKKTLALEIINFKQPQSHETALHCAVASLHPKRKQVAELLLRKGANV
NEKNKDFMTPLHVAAERAHNDVMEVLHKHGAKMNALDSLGQTALHRAALAGHLQTCRLLLSYGSDPSIISLQGFTAAQMG
NEAVQQILSESTPMRTSDVDYRLLEASKAGD
;
A,B
2 'polypeptide(L)' SHMAEDVSSAAPSPRGCADGRDADPTEEQMAETERNDEEQFECQELLECQVQVGAPE C,D
#
# COMPACT_ATOMS: atom_id res chain seq x y z
N VAL A 18 -3.36 -55.45 -22.45
CA VAL A 18 -4.03 -54.28 -21.78
C VAL A 18 -4.55 -53.26 -22.83
N LEU A 19 -5.31 -53.76 -23.80
CA LEU A 19 -5.95 -52.91 -24.80
C LEU A 19 -7.40 -52.55 -24.38
N THR A 20 -7.97 -53.32 -23.45
CA THR A 20 -9.33 -53.04 -22.93
C THR A 20 -9.30 -51.82 -22.03
N GLY A 21 -8.37 -51.82 -21.08
CA GLY A 21 -8.13 -50.66 -20.22
C GLY A 21 -7.59 -49.46 -20.97
N GLU A 22 -7.20 -49.67 -22.23
CA GLU A 22 -6.80 -48.60 -23.18
C GLU A 22 -8.04 -47.96 -23.83
N TYR A 23 -8.97 -48.80 -24.30
CA TYR A 23 -10.24 -48.33 -24.85
C TYR A 23 -11.15 -47.78 -23.76
N LYS A 24 -11.21 -48.52 -22.65
CA LYS A 24 -12.01 -48.16 -21.48
C LYS A 24 -11.59 -46.78 -20.98
N LYS A 25 -10.28 -46.58 -20.90
CA LYS A 25 -9.67 -45.30 -20.62
C LYS A 25 -10.21 -44.17 -21.50
N ASP A 26 -10.16 -44.39 -22.81
CA ASP A 26 -10.65 -43.40 -23.79
C ASP A 26 -12.10 -43.02 -23.52
N GLU A 27 -12.87 -43.98 -23.05
CA GLU A 27 -14.28 -43.73 -22.81
C GLU A 27 -14.47 -42.98 -21.50
N LEU A 28 -13.67 -43.31 -20.49
CA LEU A 28 -13.69 -42.58 -19.23
C LEU A 28 -13.35 -41.11 -19.46
N LEU A 29 -12.25 -40.89 -20.17
CA LEU A 29 -11.83 -39.55 -20.57
C LEU A 29 -12.93 -38.79 -21.30
N GLU A 30 -13.61 -39.47 -22.23
CA GLU A 30 -14.67 -38.85 -23.02
C GLU A 30 -15.83 -38.45 -22.14
N ALA A 31 -16.18 -39.32 -21.20
CA ALA A 31 -17.25 -39.03 -20.25
C ALA A 31 -16.87 -37.83 -19.40
N ALA A 32 -15.61 -37.76 -18.98
CA ALA A 32 -15.12 -36.63 -18.18
C ALA A 32 -15.26 -35.33 -18.95
N ARG A 33 -14.74 -35.33 -20.17
CA ARG A 33 -14.79 -34.16 -21.05
C ARG A 33 -16.21 -33.66 -21.33
N SER A 34 -17.13 -34.59 -21.62
CA SER A 34 -18.51 -34.24 -21.97
C SER A 34 -19.42 -34.01 -20.77
N GLY A 35 -18.93 -34.26 -19.56
CA GLY A 35 -19.74 -34.05 -18.37
C GLY A 35 -20.74 -35.17 -18.13
N ASN A 36 -20.48 -36.35 -18.70
CA ASN A 36 -21.40 -37.47 -18.59
C ASN A 36 -21.19 -38.24 -17.28
N GLU A 37 -21.97 -37.84 -16.28
CA GLU A 37 -21.85 -38.38 -14.93
C GLU A 37 -22.10 -39.90 -14.84
N GLU A 38 -23.13 -40.41 -15.52
CA GLU A 38 -23.47 -41.84 -15.45
C GLU A 38 -22.39 -42.71 -16.02
N LYS A 39 -21.93 -42.32 -17.20
CA LYS A 39 -20.89 -43.03 -17.91
C LYS A 39 -19.58 -42.97 -17.14
N LEU A 40 -19.28 -41.81 -16.57
CA LEU A 40 -18.08 -41.67 -15.75
C LEU A 40 -18.04 -42.71 -14.64
N MET A 41 -19.10 -42.74 -13.82
CA MET A 41 -19.19 -43.66 -12.66
C MET A 41 -19.39 -45.13 -13.02
N ALA A 42 -19.75 -45.43 -14.26
CA ALA A 42 -19.78 -46.83 -14.71
C ALA A 42 -18.36 -47.25 -15.10
N LEU A 43 -17.54 -46.30 -15.53
CA LEU A 43 -16.20 -46.62 -16.02
C LEU A 43 -15.08 -46.33 -15.03
N LEU A 44 -15.37 -45.56 -14.00
CA LEU A 44 -14.33 -45.09 -13.10
C LEU A 44 -14.01 -46.15 -12.07
N THR A 45 -12.77 -46.64 -12.11
CA THR A 45 -12.26 -47.63 -11.15
C THR A 45 -10.96 -47.09 -10.55
N PRO A 46 -10.43 -47.74 -9.50
CA PRO A 46 -9.18 -47.25 -8.93
C PRO A 46 -7.98 -47.41 -9.87
N LEU A 47 -8.16 -48.13 -10.97
CA LEU A 47 -7.08 -48.36 -11.91
C LEU A 47 -7.03 -47.38 -13.07
N ASN A 48 -8.11 -46.64 -13.31
CA ASN A 48 -8.09 -45.69 -14.41
C ASN A 48 -8.40 -44.26 -13.99
N VAL A 49 -8.61 -44.05 -12.69
CA VAL A 49 -8.98 -42.76 -12.17
C VAL A 49 -7.90 -41.71 -12.50
N ASN A 50 -6.64 -42.16 -12.50
CA ASN A 50 -5.53 -41.29 -12.86
C ASN A 50 -4.85 -41.61 -14.18
N CYS A 51 -5.58 -42.23 -15.08
CA CYS A 51 -5.08 -42.52 -16.42
C CYS A 51 -4.82 -41.22 -17.19
N HIS A 52 -3.95 -41.31 -18.18
CA HIS A 52 -3.63 -40.19 -19.05
C HIS A 52 -4.06 -40.54 -20.44
N ALA A 53 -4.52 -39.55 -21.20
CA ALA A 53 -4.84 -39.78 -22.59
C ALA A 53 -3.56 -40.19 -23.31
N SER A 54 -3.74 -40.80 -24.47
CA SER A 54 -2.63 -41.32 -25.27
C SER A 54 -2.08 -40.24 -26.19
N ASP A 55 -2.96 -39.53 -26.91
CA ASP A 55 -2.54 -38.43 -27.76
C ASP A 55 -2.93 -37.06 -27.20
N GLY A 56 -2.74 -36.00 -27.99
CA GLY A 56 -3.00 -34.65 -27.55
C GLY A 56 -2.09 -34.26 -26.40
N ARG A 57 -2.68 -33.73 -25.34
CA ARG A 57 -1.91 -33.26 -24.20
C ARG A 57 -1.72 -34.30 -23.09
N LYS A 58 -2.23 -35.51 -23.30
CA LYS A 58 -2.10 -36.58 -22.32
C LYS A 58 -2.73 -36.20 -20.98
N SER A 59 -3.93 -35.64 -21.09
CA SER A 59 -4.68 -35.19 -19.94
C SER A 59 -5.23 -36.37 -19.16
N THR A 60 -5.31 -36.21 -17.84
CA THR A 60 -6.10 -37.07 -16.98
C THR A 60 -7.57 -36.64 -17.02
N PRO A 61 -8.47 -37.52 -16.51
CA PRO A 61 -9.86 -37.12 -16.44
C PRO A 61 -10.07 -35.78 -15.73
N LEU A 62 -9.37 -35.61 -14.60
CA LEU A 62 -9.45 -34.39 -13.82
C LEU A 62 -9.09 -33.13 -14.61
N HIS A 63 -8.03 -33.20 -15.42
CA HIS A 63 -7.63 -32.12 -16.32
C HIS A 63 -8.77 -31.72 -17.23
N LEU A 64 -9.38 -32.73 -17.84
CA LEU A 64 -10.45 -32.53 -18.81
C LEU A 64 -11.71 -31.99 -18.16
N ALA A 65 -12.06 -32.57 -17.02
CA ALA A 65 -13.24 -32.14 -16.26
C ALA A 65 -13.08 -30.72 -15.77
N ALA A 66 -11.84 -30.33 -15.50
CA ALA A 66 -11.58 -28.99 -15.02
C ALA A 66 -11.62 -27.99 -16.17
N GLY A 67 -10.94 -28.34 -17.27
CA GLY A 67 -10.91 -27.47 -18.44
C GLY A 67 -12.28 -27.23 -19.06
N TYR A 68 -13.10 -28.26 -19.12
CA TYR A 68 -14.45 -28.19 -19.68
C TYR A 68 -15.53 -27.88 -18.63
N ASN A 69 -15.11 -27.39 -17.46
CA ASN A 69 -16.04 -26.90 -16.46
C ASN A 69 -17.09 -27.94 -16.02
N ARG A 70 -16.70 -29.19 -15.87
CA ARG A 70 -17.64 -30.21 -15.43
C ARG A 70 -17.58 -30.33 -13.92
N VAL A 71 -18.28 -29.43 -13.24
CA VAL A 71 -18.09 -29.28 -11.79
C VAL A 71 -18.41 -30.55 -11.00
N ARG A 72 -19.49 -31.23 -11.39
CA ARG A 72 -19.94 -32.42 -10.70
C ARG A 72 -18.95 -33.55 -10.98
N ILE A 73 -18.45 -33.61 -12.20
CA ILE A 73 -17.44 -34.59 -12.54
C ILE A 73 -16.17 -34.34 -11.71
N VAL A 74 -15.81 -33.07 -11.51
CA VAL A 74 -14.65 -32.76 -10.68
C VAL A 74 -14.87 -33.27 -9.27
N GLN A 75 -16.05 -33.00 -8.70
CA GLN A 75 -16.37 -33.52 -7.36
C GLN A 75 -16.19 -35.03 -7.27
N LEU A 76 -16.66 -35.76 -8.27
CA LEU A 76 -16.70 -37.21 -8.18
C LEU A 76 -15.30 -37.79 -8.33
N LEU A 77 -14.54 -37.24 -9.28
CA LEU A 77 -13.18 -37.63 -9.54
C LEU A 77 -12.36 -37.46 -8.28
N LEU A 78 -12.42 -36.28 -7.70
CA LEU A 78 -11.70 -36.00 -6.47
C LEU A 78 -12.16 -36.93 -5.36
N GLN A 79 -13.47 -37.11 -5.25
CA GLN A 79 -14.04 -37.96 -4.22
C GLN A 79 -13.58 -39.40 -4.36
N HIS A 80 -13.32 -39.85 -5.60
CA HIS A 80 -12.92 -41.22 -5.83
C HIS A 80 -11.44 -41.36 -6.19
N GLY A 81 -10.61 -40.43 -5.71
CA GLY A 81 -9.17 -40.62 -5.62
C GLY A 81 -8.38 -40.02 -6.75
N ALA A 82 -8.96 -39.07 -7.46
CA ALA A 82 -8.22 -38.38 -8.50
C ALA A 82 -7.04 -37.65 -7.89
N ASP A 83 -5.93 -37.65 -8.62
CA ASP A 83 -4.71 -36.95 -8.18
C ASP A 83 -4.76 -35.50 -8.61
N VAL A 84 -4.94 -34.62 -7.65
CA VAL A 84 -5.07 -33.21 -7.93
C VAL A 84 -3.74 -32.61 -8.43
N HIS A 85 -2.63 -33.33 -8.23
CA HIS A 85 -1.28 -32.91 -8.66
C HIS A 85 -0.76 -33.54 -9.96
N ALA A 86 -1.56 -34.36 -10.63
CA ALA A 86 -1.13 -35.02 -11.84
C ALA A 86 -0.83 -34.00 -12.96
N LYS A 87 0.10 -34.35 -13.81
CA LYS A 87 0.56 -33.48 -14.86
C LYS A 87 0.18 -33.97 -16.24
N ASP A 88 -0.21 -33.04 -17.10
CA ASP A 88 -0.39 -33.34 -18.51
C ASP A 88 0.98 -33.23 -19.16
N LYS A 89 1.06 -33.53 -20.45
CA LYS A 89 2.31 -33.55 -21.21
C LYS A 89 3.15 -32.28 -21.09
N GLY A 90 2.50 -31.14 -20.86
CA GLY A 90 3.19 -29.85 -20.75
C GLY A 90 3.52 -29.43 -19.34
N GLY A 91 3.17 -30.27 -18.37
CA GLY A 91 3.38 -29.96 -16.96
C GLY A 91 2.24 -29.19 -16.31
N LEU A 92 1.13 -29.03 -17.01
CA LEU A 92 -0.02 -28.39 -16.41
C LEU A 92 -0.64 -29.37 -15.40
N VAL A 93 -1.02 -28.86 -14.24
CA VAL A 93 -1.95 -29.53 -13.32
C VAL A 93 -3.37 -29.02 -13.61
N PRO A 94 -4.41 -29.77 -13.17
CA PRO A 94 -5.79 -29.39 -13.48
C PRO A 94 -6.17 -27.96 -13.12
N LEU A 95 -5.54 -27.42 -12.07
CA LEU A 95 -5.74 -26.05 -11.66
C LEU A 95 -5.42 -25.07 -12.79
N HIS A 96 -4.35 -25.33 -13.55
CA HIS A 96 -4.06 -24.55 -14.76
C HIS A 96 -5.25 -24.54 -15.71
N ASN A 97 -5.81 -25.71 -15.98
CA ASN A 97 -6.88 -25.84 -16.96
C ASN A 97 -8.09 -24.99 -16.52
N ALA A 98 -8.46 -25.14 -15.25
CA ALA A 98 -9.59 -24.41 -14.66
C ALA A 98 -9.39 -22.88 -14.73
N CYS A 99 -8.18 -22.45 -14.38
CA CYS A 99 -7.86 -21.03 -14.35
C CYS A 99 -7.79 -20.46 -15.76
N SER A 100 -7.16 -21.17 -16.69
CA SER A 100 -7.05 -20.66 -18.03
C SER A 100 -8.41 -20.36 -18.66
N TYR A 101 -9.40 -21.23 -18.43
CA TYR A 101 -10.74 -21.03 -19.01
C TYR A 101 -11.78 -20.42 -18.03
N GLY A 102 -11.30 -19.85 -16.94
CA GLY A 102 -12.14 -19.08 -16.04
C GLY A 102 -13.23 -19.84 -15.31
N HIS A 103 -12.95 -21.09 -14.92
CA HIS A 103 -13.97 -21.87 -14.21
C HIS A 103 -13.79 -21.72 -12.72
N TYR A 104 -14.55 -20.79 -12.16
CA TYR A 104 -14.35 -20.31 -10.82
C TYR A 104 -14.58 -21.43 -9.81
N GLU A 105 -15.67 -22.15 -9.99
CA GLU A 105 -16.15 -23.11 -8.98
C GLU A 105 -15.29 -24.35 -9.04
N VAL A 106 -14.86 -24.71 -10.25
CA VAL A 106 -13.90 -25.79 -10.42
C VAL A 106 -12.60 -25.42 -9.71
N THR A 107 -12.11 -24.21 -9.95
CA THR A 107 -10.93 -23.72 -9.27
C THR A 107 -11.05 -23.85 -7.74
N GLU A 108 -12.14 -23.33 -7.19
CA GLU A 108 -12.37 -23.40 -5.76
C GLU A 108 -12.34 -24.84 -5.25
N LEU A 109 -12.94 -25.75 -6.01
CA LEU A 109 -12.98 -27.15 -5.60
C LEU A 109 -11.57 -27.72 -5.57
N LEU A 110 -10.81 -27.48 -6.63
CA LEU A 110 -9.45 -27.99 -6.71
C LEU A 110 -8.61 -27.51 -5.54
N LEU A 111 -8.68 -26.21 -5.26
CA LEU A 111 -7.94 -25.63 -4.14
C LEU A 111 -8.39 -26.26 -2.83
N LYS A 112 -9.69 -26.44 -2.69
CA LYS A 112 -10.25 -27.07 -1.50
C LYS A 112 -9.63 -28.45 -1.25
N HIS A 113 -9.34 -29.19 -2.32
CA HIS A 113 -8.70 -30.50 -2.22
C HIS A 113 -7.18 -30.46 -2.34
N GLY A 114 -6.58 -29.32 -2.04
CA GLY A 114 -5.14 -29.27 -1.83
C GLY A 114 -4.29 -29.05 -3.04
N ALA A 115 -4.86 -28.51 -4.12
CA ALA A 115 -4.06 -28.12 -5.29
C ALA A 115 -3.02 -27.04 -4.90
N CYS A 116 -1.82 -27.13 -5.47
CA CYS A 116 -0.74 -26.16 -5.28
C CYS A 116 -1.04 -24.89 -6.08
N VAL A 117 -1.32 -23.83 -5.35
CA VAL A 117 -1.79 -22.58 -5.95
C VAL A 117 -0.74 -22.01 -6.92
N ASN A 118 0.54 -22.31 -6.68
CA ASN A 118 1.63 -21.85 -7.55
C ASN A 118 2.37 -22.98 -8.24
N ALA A 119 1.64 -24.04 -8.58
CA ALA A 119 2.17 -25.10 -9.42
C ALA A 119 2.65 -24.50 -10.73
N MET A 120 3.78 -25.00 -11.22
CA MET A 120 4.39 -24.47 -12.43
C MET A 120 4.47 -25.54 -13.50
N ASP A 121 4.16 -25.18 -14.73
CA ASP A 121 4.30 -26.11 -15.84
C ASP A 121 5.75 -26.09 -16.30
N LEU A 122 6.06 -26.76 -17.40
CA LEU A 122 7.45 -26.82 -17.86
C LEU A 122 7.98 -25.47 -18.36
N TRP A 123 7.10 -24.49 -18.58
CA TRP A 123 7.49 -23.14 -18.95
C TRP A 123 7.45 -22.15 -17.77
N GLN A 124 7.27 -22.69 -16.56
CA GLN A 124 7.19 -21.91 -15.31
C GLN A 124 5.95 -21.02 -15.24
N PHE A 125 4.91 -21.40 -15.98
CA PHE A 125 3.64 -20.71 -15.88
C PHE A 125 2.89 -21.29 -14.70
N THR A 126 2.38 -20.40 -13.87
CA THR A 126 1.52 -20.74 -12.74
C THR A 126 0.06 -20.55 -13.10
N PRO A 127 -0.84 -21.08 -12.26
CA PRO A 127 -2.26 -20.80 -12.48
C PRO A 127 -2.62 -19.32 -12.56
N LEU A 128 -1.98 -18.50 -11.75
CA LEU A 128 -2.21 -17.08 -11.81
C LEU A 128 -1.75 -16.44 -13.13
N HIS A 129 -0.65 -16.92 -13.70
CA HIS A 129 -0.23 -16.48 -15.05
C HIS A 129 -1.38 -16.73 -16.02
N GLU A 130 -1.96 -17.92 -15.93
CA GLU A 130 -3.07 -18.27 -16.80
C GLU A 130 -4.24 -17.31 -16.63
N ALA A 131 -4.73 -17.16 -15.41
CA ALA A 131 -5.91 -16.35 -15.16
C ALA A 131 -5.66 -14.87 -15.50
N ALA A 132 -4.53 -14.34 -15.04
CA ALA A 132 -4.18 -12.94 -15.24
C ALA A 132 -4.06 -12.61 -16.70
N SER A 133 -3.39 -13.46 -17.46
CA SER A 133 -3.15 -13.18 -18.87
C SER A 133 -4.45 -13.20 -19.67
N LYS A 134 -5.43 -13.98 -19.21
CA LYS A 134 -6.74 -14.00 -19.85
C LYS A 134 -7.80 -13.15 -19.14
N ASN A 135 -7.37 -12.27 -18.25
CA ASN A 135 -8.25 -11.30 -17.61
C ASN A 135 -9.38 -11.92 -16.79
N ARG A 136 -9.09 -13.05 -16.16
CA ARG A 136 -10.06 -13.73 -15.28
C ARG A 136 -9.98 -13.08 -13.92
N VAL A 137 -10.64 -11.95 -13.77
CA VAL A 137 -10.45 -11.09 -12.61
C VAL A 137 -10.81 -11.81 -11.32
N GLU A 138 -11.94 -12.49 -11.33
CA GLU A 138 -12.49 -13.15 -10.16
C GLU A 138 -11.67 -14.39 -9.81
N VAL A 139 -11.26 -15.11 -10.83
CA VAL A 139 -10.35 -16.24 -10.61
C VAL A 139 -9.04 -15.76 -10.02
N CYS A 140 -8.51 -14.64 -10.50
CA CYS A 140 -7.27 -14.08 -9.92
C CYS A 140 -7.43 -13.80 -8.42
N SER A 141 -8.51 -13.13 -8.02
CA SER A 141 -8.77 -12.88 -6.60
C SER A 141 -8.87 -14.17 -5.80
N LEU A 142 -9.58 -15.18 -6.33
CA LEU A 142 -9.69 -16.45 -5.64
C LEU A 142 -8.31 -17.04 -5.44
N LEU A 143 -7.52 -17.08 -6.51
CA LEU A 143 -6.13 -17.60 -6.41
C LEU A 143 -5.30 -16.84 -5.36
N LEU A 144 -5.37 -15.51 -5.39
CA LEU A 144 -4.57 -14.73 -4.42
C LEU A 144 -4.96 -15.05 -2.99
N SER A 145 -6.26 -15.31 -2.76
CA SER A 145 -6.80 -15.61 -1.44
C SER A 145 -6.35 -16.97 -0.88
N HIS A 146 -5.87 -17.86 -1.75
CA HIS A 146 -5.22 -19.09 -1.34
C HIS A 146 -3.71 -19.01 -1.51
N GLY A 147 -3.15 -17.80 -1.55
CA GLY A 147 -1.70 -17.65 -1.49
C GLY A 147 -0.96 -17.65 -2.81
N ALA A 148 -1.65 -17.43 -3.91
CA ALA A 148 -0.99 -17.27 -5.18
C ALA A 148 -0.06 -16.05 -5.10
N ASP A 149 1.09 -16.16 -5.73
CA ASP A 149 2.09 -15.13 -5.71
C ASP A 149 2.29 -14.59 -7.12
N PRO A 150 1.88 -13.32 -7.37
CA PRO A 150 1.92 -12.71 -8.70
C PRO A 150 3.27 -12.12 -9.10
N THR A 151 4.31 -12.35 -8.29
CA THR A 151 5.67 -11.88 -8.63
C THR A 151 6.54 -12.98 -9.20
N LEU A 152 6.06 -14.21 -9.16
CA LEU A 152 6.79 -15.36 -9.71
C LEU A 152 6.85 -15.26 -11.22
N VAL A 153 8.02 -15.55 -11.78
CA VAL A 153 8.24 -15.34 -13.20
C VAL A 153 8.23 -16.65 -13.95
N ASN A 154 7.85 -16.59 -15.21
CA ASN A 154 7.90 -17.76 -16.07
C ASN A 154 9.26 -17.78 -16.80
N CYS A 155 9.41 -18.66 -17.77
CA CYS A 155 10.66 -18.78 -18.51
C CYS A 155 10.98 -17.52 -19.33
N HIS A 156 9.99 -16.69 -19.64
CA HIS A 156 10.22 -15.44 -20.36
C HIS A 156 10.46 -14.25 -19.44
N GLY A 157 10.73 -14.49 -18.15
CA GLY A 157 10.98 -13.41 -17.20
C GLY A 157 9.74 -12.60 -16.81
N LYS A 158 8.55 -13.16 -17.04
CA LYS A 158 7.28 -12.43 -16.92
C LYS A 158 6.43 -12.94 -15.74
N SER A 159 5.98 -12.02 -14.90
CA SER A 159 5.11 -12.35 -13.79
C SER A 159 3.64 -12.26 -14.20
N ALA A 160 2.74 -12.65 -13.30
CA ALA A 160 1.31 -12.50 -13.58
C ALA A 160 0.97 -11.01 -13.71
N VAL A 161 1.56 -10.18 -12.84
CA VAL A 161 1.44 -8.73 -12.98
C VAL A 161 1.76 -8.21 -14.38
N ASP A 162 2.85 -8.71 -14.97
CA ASP A 162 3.29 -8.28 -16.29
C ASP A 162 2.34 -8.71 -17.42
N MET A 163 1.66 -9.83 -17.22
CA MET A 163 0.75 -10.35 -18.22
C MET A 163 -0.66 -9.81 -18.07
N ALA A 164 -1.01 -9.29 -16.89
CA ALA A 164 -2.34 -8.70 -16.73
C ALA A 164 -2.56 -7.57 -17.77
N PRO A 165 -3.62 -7.66 -18.59
CA PRO A 165 -3.76 -6.72 -19.69
C PRO A 165 -4.30 -5.32 -19.39
N THR A 166 -4.72 -5.02 -18.16
CA THR A 166 -5.18 -3.67 -17.79
C THR A 166 -4.48 -3.17 -16.52
N PRO A 167 -4.35 -1.83 -16.37
CA PRO A 167 -3.80 -1.30 -15.11
C PRO A 167 -4.67 -1.65 -13.89
N GLU A 168 -5.99 -1.68 -14.09
CA GLU A 168 -6.90 -2.03 -12.98
C GLU A 168 -6.56 -3.43 -12.45
N LEU A 169 -6.31 -4.37 -13.34
CA LEU A 169 -5.98 -5.71 -12.89
C LEU A 169 -4.56 -5.80 -12.31
N ARG A 170 -3.61 -5.08 -12.90
CA ARG A 170 -2.26 -5.07 -12.35
C ARG A 170 -2.28 -4.54 -10.91
N GLU A 171 -2.98 -3.43 -10.72
CA GLU A 171 -3.15 -2.84 -9.40
C GLU A 171 -3.86 -3.78 -8.42
N ARG A 172 -4.84 -4.52 -8.91
CA ARG A 172 -5.59 -5.44 -8.09
C ARG A 172 -4.74 -6.64 -7.64
N LEU A 173 -3.93 -7.19 -8.55
CA LEU A 173 -3.05 -8.29 -8.18
C LEU A 173 -2.10 -7.89 -7.05
N THR A 174 -1.53 -6.69 -7.17
CA THR A 174 -0.60 -6.20 -6.18
C THR A 174 -1.31 -5.95 -4.86
N TYR A 175 -2.42 -5.21 -4.93
CA TYR A 175 -3.16 -4.88 -3.74
C TYR A 175 -3.62 -6.13 -3.00
N GLU A 176 -4.28 -7.06 -3.72
CA GLU A 176 -4.77 -8.28 -3.08
C GLU A 176 -3.67 -9.23 -2.60
N PHE A 177 -2.52 -9.23 -3.27
CA PHE A 177 -1.39 -10.01 -2.82
C PHE A 177 -0.87 -9.47 -1.47
N LYS A 178 -0.68 -8.16 -1.36
CA LYS A 178 -0.23 -7.57 -0.08
C LYS A 178 -1.27 -7.83 0.97
N GLY A 179 -2.52 -7.64 0.60
CA GLY A 179 -3.63 -7.85 1.50
C GLY A 179 -3.63 -9.24 2.09
N HIS A 180 -3.60 -10.25 1.25
CA HIS A 180 -3.61 -11.62 1.75
C HIS A 180 -2.31 -12.02 2.46
N SER A 181 -1.20 -11.37 2.12
CA SER A 181 0.04 -11.67 2.86
C SER A 181 -0.12 -11.11 4.28
N LEU A 182 -0.81 -9.98 4.39
CA LEU A 182 -1.05 -9.41 5.71
C LEU A 182 -1.99 -10.32 6.49
N LEU A 183 -3.06 -10.78 5.85
CA LEU A 183 -4.02 -11.62 6.55
C LEU A 183 -3.36 -12.89 7.03
N GLN A 184 -2.52 -13.50 6.20
CA GLN A 184 -1.90 -14.78 6.57
C GLN A 184 -0.85 -14.59 7.66
N ALA A 185 -0.16 -13.46 7.63
CA ALA A 185 0.83 -13.18 8.61
C ALA A 185 0.12 -12.97 9.93
N ALA A 186 -1.01 -12.24 9.90
CA ALA A 186 -1.88 -12.16 11.07
C ALA A 186 -2.35 -13.53 11.61
N ARG A 187 -2.83 -14.42 10.74
CA ARG A 187 -3.26 -15.75 11.16
C ARG A 187 -2.12 -16.51 11.85
N GLU A 188 -0.91 -16.37 11.34
CA GLU A 188 0.25 -17.08 11.89
C GLU A 188 0.93 -16.33 13.09
N ALA A 189 0.37 -15.18 13.47
CA ALA A 189 0.96 -14.26 14.47
C ALA A 189 2.45 -14.00 14.22
N ASP A 190 2.77 -13.76 12.97
CA ASP A 190 4.12 -13.54 12.52
C ASP A 190 4.35 -12.03 12.46
N LEU A 191 4.81 -11.51 13.59
CA LEU A 191 4.97 -10.10 13.84
C LEU A 191 5.88 -9.42 12.82
N ALA A 192 7.03 -10.03 12.55
CA ALA A 192 8.00 -9.48 11.59
C ALA A 192 7.39 -9.36 10.21
N LYS A 193 6.64 -10.38 9.80
CA LYS A 193 6.01 -10.34 8.50
C LYS A 193 4.83 -9.34 8.48
N VAL A 194 4.13 -9.17 9.59
CA VAL A 194 3.08 -8.15 9.63
C VAL A 194 3.73 -6.75 9.46
N LYS A 195 4.80 -6.49 10.19
CA LYS A 195 5.53 -5.19 10.09
C LYS A 195 5.97 -4.90 8.66
N LYS A 196 6.56 -5.91 8.05
CA LYS A 196 7.09 -5.78 6.72
C LYS A 196 6.02 -5.39 5.70
N THR A 197 4.88 -6.11 5.69
CA THR A 197 3.87 -5.85 4.66
C THR A 197 3.16 -4.52 4.89
N LEU A 198 3.33 -3.96 6.08
CA LEU A 198 2.78 -2.66 6.46
C LEU A 198 3.80 -1.53 6.38
N ALA A 199 5.02 -1.81 5.91
CA ALA A 199 6.10 -0.83 5.95
C ALA A 199 5.77 0.40 5.11
N LEU A 200 4.91 0.24 4.11
CA LEU A 200 4.59 1.34 3.23
C LEU A 200 3.22 1.96 3.47
N GLU A 201 2.73 1.97 4.70
CA GLU A 201 1.47 2.67 4.99
C GLU A 201 1.73 4.20 4.97
N ILE A 202 0.81 4.97 4.45
CA ILE A 202 1.06 6.38 4.25
C ILE A 202 0.58 7.27 5.39
N ILE A 203 -0.09 6.74 6.40
CA ILE A 203 -0.70 7.58 7.43
C ILE A 203 0.31 8.51 8.12
N ASN A 204 1.52 8.02 8.32
CA ASN A 204 2.57 8.84 8.90
C ASN A 204 3.71 9.14 7.96
N PHE A 205 3.42 9.12 6.67
CA PHE A 205 4.32 9.60 5.64
C PHE A 205 4.79 11.03 5.96
N LYS A 206 6.06 11.30 5.70
CA LYS A 206 6.64 12.59 6.07
C LYS A 206 7.06 13.44 4.90
N GLN A 207 6.77 14.74 4.99
CA GLN A 207 7.35 15.70 4.06
C GLN A 207 8.85 15.56 4.30
N PRO A 208 9.61 15.12 3.27
CA PRO A 208 11.04 14.83 3.48
C PRO A 208 11.86 15.99 4.04
N GLN A 209 11.54 17.23 3.63
CA GLN A 209 12.25 18.42 4.09
C GLN A 209 11.85 18.79 5.52
N SER A 210 10.56 19.06 5.72
CA SER A 210 10.04 19.57 6.99
C SER A 210 9.78 18.49 8.07
N HIS A 211 9.77 17.23 7.69
CA HIS A 211 9.28 16.12 8.53
C HIS A 211 7.81 16.24 9.02
N GLU A 212 6.99 17.09 8.41
CA GLU A 212 5.56 17.17 8.77
C GLU A 212 4.79 15.99 8.20
N THR A 213 3.83 15.53 8.97
CA THR A 213 2.88 14.52 8.53
C THR A 213 1.58 15.18 8.19
N ALA A 214 0.66 14.37 7.69
CA ALA A 214 -0.65 14.87 7.31
C ALA A 214 -1.38 15.51 8.49
N LEU A 215 -1.10 15.03 9.71
CA LEU A 215 -1.75 15.59 10.90
C LEU A 215 -1.28 17.03 11.16
N HIS A 216 0.03 17.26 11.03
CA HIS A 216 0.58 18.61 11.08
C HIS A 216 -0.14 19.51 10.05
N CYS A 217 -0.30 19.02 8.82
CA CYS A 217 -0.93 19.81 7.74
C CYS A 217 -2.42 20.11 8.03
N ALA A 218 -3.12 19.12 8.58
CA ALA A 218 -4.54 19.25 8.85
C ALA A 218 -4.83 20.28 9.94
N VAL A 219 -4.05 20.25 11.04
CA VAL A 219 -4.26 21.20 12.10
C VAL A 219 -3.82 22.64 11.75
N ALA A 220 -2.98 22.78 10.73
CA ALA A 220 -2.59 24.10 10.24
C ALA A 220 -3.61 24.66 9.25
N SER A 221 -4.57 23.85 8.80
CA SER A 221 -5.46 24.22 7.71
C SER A 221 -6.40 25.35 8.10
N LEU A 222 -6.68 26.21 7.13
CA LEU A 222 -7.67 27.26 7.25
C LEU A 222 -9.05 26.74 6.86
N HIS A 223 -9.11 25.57 6.25
CA HIS A 223 -10.34 25.11 5.62
C HIS A 223 -11.34 24.59 6.66
N PRO A 224 -12.63 24.57 6.29
CA PRO A 224 -13.67 24.29 7.28
C PRO A 224 -13.64 22.89 7.96
N LYS A 225 -13.23 21.85 7.24
CA LYS A 225 -13.31 20.49 7.80
C LYS A 225 -12.09 20.00 8.60
N ARG A 226 -11.20 20.90 9.00
CA ARG A 226 -9.95 20.47 9.58
C ARG A 226 -10.11 19.64 10.87
N LYS A 227 -11.16 19.93 11.63
CA LYS A 227 -11.46 19.18 12.84
C LYS A 227 -11.74 17.73 12.47
N GLN A 228 -12.65 17.56 11.51
CA GLN A 228 -13.02 16.21 11.05
C GLN A 228 -11.81 15.49 10.44
N VAL A 229 -10.99 16.20 9.67
CA VAL A 229 -9.82 15.55 9.05
C VAL A 229 -8.85 15.10 10.11
N ALA A 230 -8.66 15.94 11.11
CA ALA A 230 -7.74 15.62 12.17
C ALA A 230 -8.18 14.36 12.95
N GLU A 231 -9.48 14.29 13.27
CA GLU A 231 -10.10 13.15 13.96
C GLU A 231 -9.90 11.89 13.15
N LEU A 232 -10.17 11.99 11.85
CA LEU A 232 -10.03 10.87 10.95
C LEU A 232 -8.63 10.34 10.91
N LEU A 233 -7.62 11.22 10.79
CA LEU A 233 -6.23 10.77 10.73
C LEU A 233 -5.82 10.09 12.03
N LEU A 234 -6.28 10.65 13.14
CA LEU A 234 -5.98 10.07 14.43
C LEU A 234 -6.65 8.70 14.61
N ARG A 235 -7.93 8.59 14.21
CA ARG A 235 -8.59 7.28 14.23
C ARG A 235 -7.80 6.25 13.41
N LYS A 236 -7.22 6.70 12.30
CA LYS A 236 -6.55 5.80 11.37
C LYS A 236 -5.07 5.59 11.59
N GLY A 237 -4.58 5.93 12.77
CA GLY A 237 -3.19 5.65 13.13
C GLY A 237 -2.22 6.81 13.19
N ALA A 238 -2.65 8.03 12.90
CA ALA A 238 -1.71 9.17 12.95
C ALA A 238 -1.08 9.34 14.34
N ASN A 239 0.22 9.51 14.40
CA ASN A 239 0.90 9.80 15.66
C ASN A 239 0.63 11.22 16.14
N VAL A 240 -0.14 11.31 17.20
CA VAL A 240 -0.58 12.54 17.74
C VAL A 240 0.57 13.46 18.23
N ASN A 241 1.72 12.88 18.58
CA ASN A 241 2.86 13.64 19.09
C ASN A 241 4.03 13.70 18.12
N GLU A 242 3.80 13.39 16.86
CA GLU A 242 4.85 13.43 15.84
C GLU A 242 5.49 14.83 15.84
N LYS A 243 6.81 14.86 15.71
CA LYS A 243 7.56 16.11 15.73
C LYS A 243 8.08 16.44 14.36
N ASN A 244 7.94 17.69 13.94
CA ASN A 244 8.52 18.10 12.69
C ASN A 244 9.99 18.48 12.91
N LYS A 245 10.62 19.00 11.87
CA LYS A 245 12.05 19.36 11.88
C LYS A 245 12.44 20.24 13.06
N ASP A 246 11.55 21.13 13.46
CA ASP A 246 11.78 22.03 14.56
C ASP A 246 11.21 21.51 15.89
N PHE A 247 11.00 20.19 15.94
CA PHE A 247 10.44 19.53 17.12
C PHE A 247 9.05 20.00 17.52
N MET A 248 8.30 20.58 16.57
CA MET A 248 6.90 20.93 16.80
C MET A 248 5.98 19.73 16.60
N THR A 249 5.17 19.50 17.62
CA THR A 249 4.08 18.59 17.52
C THR A 249 2.91 19.30 16.83
N PRO A 250 1.89 18.52 16.45
CA PRO A 250 0.67 19.17 15.93
C PRO A 250 0.07 20.20 16.90
N LEU A 251 0.19 19.94 18.20
CA LEU A 251 -0.28 20.87 19.21
C LEU A 251 0.38 22.24 19.08
N HIS A 252 1.69 22.24 18.88
CA HIS A 252 2.42 23.47 18.66
C HIS A 252 1.85 24.20 17.44
N VAL A 253 1.56 23.46 16.38
CA VAL A 253 1.11 24.05 15.12
C VAL A 253 -0.29 24.65 15.29
N ALA A 254 -1.19 23.90 15.92
CA ALA A 254 -2.54 24.37 16.16
C ALA A 254 -2.55 25.55 17.10
N ALA A 255 -1.73 25.47 18.15
CA ALA A 255 -1.75 26.50 19.16
C ALA A 255 -1.33 27.86 18.63
N GLU A 256 -0.22 27.89 17.90
CA GLU A 256 0.29 29.16 17.43
C GLU A 256 -0.65 29.83 16.43
N ARG A 257 -1.53 29.05 15.82
CA ARG A 257 -2.50 29.60 14.88
C ARG A 257 -3.88 29.80 15.51
N ALA A 258 -4.02 29.58 16.82
CA ALA A 258 -5.36 29.64 17.47
C ALA A 258 -6.43 28.68 16.89
N HIS A 259 -6.00 27.53 16.35
CA HIS A 259 -6.95 26.55 15.82
C HIS A 259 -7.44 25.69 16.97
N ASN A 260 -8.41 26.24 17.69
CA ASN A 260 -8.79 25.70 18.98
C ASN A 260 -9.58 24.42 18.85
N ASP A 261 -10.38 24.28 17.81
CA ASP A 261 -11.18 23.08 17.63
C ASP A 261 -10.31 21.84 17.52
N VAL A 262 -9.26 21.89 16.70
CA VAL A 262 -8.36 20.74 16.60
C VAL A 262 -7.52 20.57 17.86
N MET A 263 -7.24 21.65 18.58
CA MET A 263 -6.43 21.48 19.81
C MET A 263 -7.14 20.50 20.72
N GLU A 264 -8.46 20.67 20.83
CA GLU A 264 -9.26 19.77 21.65
C GLU A 264 -9.14 18.33 21.20
N VAL A 265 -9.20 18.13 19.89
CA VAL A 265 -9.08 16.79 19.30
C VAL A 265 -7.75 16.16 19.66
N LEU A 266 -6.70 16.96 19.59
CA LEU A 266 -5.35 16.48 19.90
C LEU A 266 -5.25 16.11 21.38
N HIS A 267 -5.85 16.94 22.21
CA HIS A 267 -5.85 16.70 23.66
C HIS A 267 -6.53 15.38 23.98
N LYS A 268 -7.69 15.20 23.36
CA LYS A 268 -8.49 14.00 23.49
C LYS A 268 -7.70 12.76 23.12
N HIS A 269 -6.86 12.87 22.10
CA HIS A 269 -6.06 11.72 21.62
C HIS A 269 -4.69 11.59 22.28
N GLY A 270 -4.50 12.22 23.43
CA GLY A 270 -3.29 12.03 24.21
C GLY A 270 -2.13 12.95 23.85
N ALA A 271 -2.40 14.10 23.24
CA ALA A 271 -1.28 15.06 23.00
C ALA A 271 -0.57 15.42 24.30
N LYS A 272 0.76 15.42 24.27
CA LYS A 272 1.54 15.81 25.42
C LYS A 272 1.57 17.33 25.52
N MET A 273 0.89 17.86 26.52
CA MET A 273 0.71 19.30 26.64
C MET A 273 2.03 20.04 26.81
N ASN A 274 3.01 19.38 27.43
CA ASN A 274 4.30 19.99 27.68
C ASN A 274 5.42 19.61 26.72
N ALA A 275 5.08 19.12 25.53
CA ALA A 275 6.10 18.79 24.53
C ALA A 275 6.93 20.05 24.24
N LEU A 276 8.25 19.92 24.12
CA LEU A 276 9.13 21.06 23.89
C LEU A 276 9.59 21.11 22.43
N ASP A 277 9.47 22.27 21.80
CA ASP A 277 10.04 22.41 20.45
C ASP A 277 11.56 22.56 20.58
N SER A 278 12.25 22.91 19.50
CA SER A 278 13.72 22.94 19.55
C SER A 278 14.22 24.17 20.29
N LEU A 279 13.33 25.13 20.53
CA LEU A 279 13.65 26.30 21.37
C LEU A 279 13.22 26.10 22.82
N GLY A 280 12.85 24.88 23.19
CA GLY A 280 12.44 24.58 24.56
C GLY A 280 11.06 25.13 24.92
N GLN A 281 10.26 25.45 23.91
CA GLN A 281 8.94 26.06 24.12
C GLN A 281 7.83 25.02 24.01
N THR A 282 6.77 25.19 24.78
CA THR A 282 5.53 24.45 24.63
C THR A 282 4.58 25.18 23.68
N ALA A 283 3.50 24.50 23.33
CA ALA A 283 2.40 25.09 22.65
C ALA A 283 1.92 26.35 23.38
N LEU A 284 1.90 26.32 24.71
CA LEU A 284 1.51 27.48 25.49
C LEU A 284 2.43 28.68 25.24
N HIS A 285 3.75 28.45 25.15
CA HIS A 285 4.67 29.54 24.78
C HIS A 285 4.26 30.18 23.45
N ARG A 286 3.94 29.34 22.47
CA ARG A 286 3.71 29.84 21.11
C ARG A 286 2.34 30.50 21.01
N ALA A 287 1.36 30.01 21.77
CA ALA A 287 0.07 30.68 21.86
C ALA A 287 0.19 32.04 22.56
N ALA A 288 0.90 32.07 23.68
CA ALA A 288 1.17 33.31 24.40
C ALA A 288 1.84 34.35 23.52
N LEU A 289 2.89 33.93 22.81
CA LEU A 289 3.65 34.78 21.92
C LEU A 289 2.77 35.37 20.81
N ALA A 290 1.79 34.60 20.36
CA ALA A 290 0.86 35.06 19.32
C ALA A 290 -0.25 35.97 19.84
N GLY A 291 -0.41 36.05 21.17
CA GLY A 291 -1.55 36.73 21.78
C GLY A 291 -2.90 36.04 21.60
N HIS A 292 -2.91 34.72 21.50
CA HIS A 292 -4.15 33.95 21.37
C HIS A 292 -4.74 33.61 22.73
N LEU A 293 -5.71 34.40 23.16
CA LEU A 293 -6.15 34.40 24.55
C LEU A 293 -6.89 33.11 24.95
N GLN A 294 -7.87 32.74 24.14
CA GLN A 294 -8.66 31.54 24.41
C GLN A 294 -7.80 30.30 24.29
N THR A 295 -6.90 30.30 23.32
CA THR A 295 -5.95 29.23 23.16
C THR A 295 -5.17 29.01 24.48
N CYS A 296 -4.65 30.08 25.07
CA CYS A 296 -3.95 29.97 26.34
C CYS A 296 -4.87 29.41 27.43
N ARG A 297 -6.11 29.90 27.53
CA ARG A 297 -7.05 29.39 28.54
C ARG A 297 -7.26 27.90 28.41
N LEU A 298 -7.44 27.44 27.17
CA LEU A 298 -7.65 26.02 26.89
C LEU A 298 -6.40 25.19 27.26
N LEU A 299 -5.24 25.65 26.82
CA LEU A 299 -4.00 24.94 27.11
C LEU A 299 -3.81 24.81 28.62
N LEU A 300 -4.11 25.87 29.34
CA LEU A 300 -4.06 25.82 30.79
C LEU A 300 -5.03 24.76 31.31
N SER A 301 -6.26 24.80 30.84
CA SER A 301 -7.27 23.87 31.33
C SER A 301 -6.82 22.44 31.04
N TYR A 302 -6.10 22.24 29.93
CA TYR A 302 -5.62 20.90 29.57
C TYR A 302 -4.42 20.41 30.37
N GLY A 303 -3.85 21.26 31.22
CA GLY A 303 -2.73 20.88 32.05
C GLY A 303 -1.38 21.36 31.55
N SER A 304 -1.34 22.31 30.63
CA SER A 304 -0.08 22.95 30.27
C SER A 304 0.53 23.60 31.51
N ASP A 305 1.85 23.57 31.61
CA ASP A 305 2.58 24.06 32.78
C ASP A 305 3.18 25.40 32.41
N PRO A 306 2.61 26.48 32.96
CA PRO A 306 3.05 27.82 32.61
C PRO A 306 4.44 28.21 33.16
N SER A 307 4.99 27.47 34.11
CA SER A 307 6.32 27.82 34.62
C SER A 307 7.46 27.44 33.67
N ILE A 308 7.22 26.60 32.68
CA ILE A 308 8.32 26.09 31.86
C ILE A 308 9.14 27.24 31.21
N ILE A 309 10.46 27.16 31.38
CA ILE A 309 11.39 28.21 30.93
C ILE A 309 12.02 27.73 29.64
N SER A 310 11.84 28.49 28.56
CA SER A 310 12.36 28.07 27.27
C SER A 310 13.89 28.18 27.26
N LEU A 311 14.53 27.72 26.18
CA LEU A 311 15.98 27.84 26.02
C LEU A 311 16.48 29.26 25.86
N GLN A 312 15.62 30.20 25.50
CA GLN A 312 16.02 31.58 25.51
C GLN A 312 15.75 32.21 26.88
N GLY A 313 15.35 31.44 27.88
CA GLY A 313 15.16 31.97 29.24
C GLY A 313 13.77 32.53 29.57
N PHE A 314 12.75 32.23 28.76
CA PHE A 314 11.41 32.83 28.98
C PHE A 314 10.31 31.87 29.40
N THR A 315 9.48 32.32 30.33
CA THR A 315 8.18 31.72 30.50
C THR A 315 7.23 32.27 29.42
N ALA A 316 6.11 31.60 29.24
CA ALA A 316 5.09 32.03 28.29
C ALA A 316 4.61 33.45 28.61
N ALA A 317 4.42 33.73 29.89
CA ALA A 317 4.01 35.04 30.37
C ALA A 317 5.02 36.13 30.01
N GLN A 318 6.29 35.77 30.02
CA GLN A 318 7.34 36.71 29.71
C GLN A 318 7.39 37.04 28.23
N MET A 319 6.69 36.28 27.39
CA MET A 319 6.65 36.55 25.96
C MET A 319 5.34 37.17 25.47
N GLY A 320 4.38 37.37 26.36
CA GLY A 320 3.00 37.71 25.97
C GLY A 320 2.51 39.11 26.32
N ASN A 321 1.36 39.49 25.78
CA ASN A 321 0.76 40.80 26.08
C ASN A 321 0.17 40.80 27.47
N GLU A 322 -0.35 41.95 27.93
CA GLU A 322 -0.74 42.07 29.34
C GLU A 322 -2.01 41.21 29.61
N ALA A 323 -2.81 40.93 28.58
CA ALA A 323 -3.95 40.00 28.70
C ALA A 323 -3.52 38.53 28.87
N VAL A 324 -2.53 38.12 28.09
CA VAL A 324 -1.94 36.79 28.23
C VAL A 324 -1.34 36.69 29.63
N GLN A 325 -0.61 37.71 30.05
CA GLN A 325 -0.02 37.73 31.39
C GLN A 325 -1.07 37.54 32.47
N GLN A 326 -2.18 38.25 32.31
CA GLN A 326 -3.27 38.16 33.27
C GLN A 326 -3.82 36.73 33.33
N ILE A 327 -4.05 36.15 32.16
CA ILE A 327 -4.56 34.79 32.08
C ILE A 327 -3.61 33.81 32.75
N LEU A 328 -2.31 33.99 32.50
CA LEU A 328 -1.31 33.07 33.01
C LEU A 328 -1.05 33.19 34.51
N SER A 329 -1.33 34.34 35.12
CA SER A 329 -1.02 34.51 36.54
C SER A 329 -2.07 33.92 37.48
N GLU A 330 -2.68 32.80 37.09
CA GLU A 330 -3.77 32.19 37.88
C GLU A 330 -3.64 30.67 37.94
N THR B 20 35.16 34.14 -34.53
CA THR B 20 35.97 33.75 -33.34
C THR B 20 35.09 33.18 -32.21
N GLY B 21 34.00 33.87 -31.91
CA GLY B 21 33.02 33.44 -30.92
C GLY B 21 32.53 32.00 -31.07
N GLU B 22 32.65 31.44 -32.28
CA GLU B 22 32.29 30.04 -32.55
C GLU B 22 33.34 29.01 -32.11
N TYR B 23 34.62 29.30 -32.27
CA TYR B 23 35.68 28.37 -31.82
C TYR B 23 35.73 28.47 -30.30
N LYS B 24 35.46 29.68 -29.80
CA LYS B 24 35.30 29.95 -28.38
C LYS B 24 34.16 29.11 -27.80
N LYS B 25 32.97 29.27 -28.40
CA LYS B 25 31.79 28.47 -28.06
C LYS B 25 32.15 27.01 -27.87
N ASP B 26 32.73 26.39 -28.89
CA ASP B 26 33.12 24.97 -28.83
C ASP B 26 33.96 24.71 -27.59
N GLU B 27 34.90 25.61 -27.31
CA GLU B 27 35.81 25.47 -26.15
C GLU B 27 35.10 25.66 -24.82
N LEU B 28 34.19 26.64 -24.76
CA LEU B 28 33.35 26.82 -23.58
C LEU B 28 32.49 25.59 -23.32
N LEU B 29 31.82 25.12 -24.36
CA LEU B 29 30.99 23.92 -24.26
C LEU B 29 31.85 22.75 -23.81
N GLU B 30 33.03 22.60 -24.43
CA GLU B 30 33.97 21.55 -24.04
C GLU B 30 34.40 21.71 -22.57
N ALA B 31 34.62 22.94 -22.13
CA ALA B 31 34.97 23.19 -20.73
C ALA B 31 33.83 22.78 -19.78
N ALA B 32 32.59 23.04 -20.21
CA ALA B 32 31.42 22.63 -19.42
C ALA B 32 31.35 21.12 -19.26
N ARG B 33 31.45 20.42 -20.39
CA ARG B 33 31.41 18.94 -20.42
C ARG B 33 32.50 18.31 -19.55
N SER B 34 33.71 18.87 -19.64
CA SER B 34 34.91 18.30 -19.03
C SER B 34 35.13 18.67 -17.56
N GLY B 35 34.36 19.63 -17.05
CA GLY B 35 34.53 20.09 -15.67
C GLY B 35 35.72 21.02 -15.48
N ASN B 36 36.21 21.63 -16.55
CA ASN B 36 37.32 22.56 -16.45
C ASN B 36 36.87 23.97 -16.03
N GLU B 37 36.89 24.21 -14.73
CA GLU B 37 36.42 25.45 -14.15
C GLU B 37 37.21 26.65 -14.61
N GLU B 38 38.54 26.49 -14.68
CA GLU B 38 39.45 27.56 -15.09
C GLU B 38 39.11 28.09 -16.48
N LYS B 39 39.06 27.17 -17.44
CA LYS B 39 38.75 27.48 -18.84
C LYS B 39 37.33 28.06 -18.96
N LEU B 40 36.40 27.48 -18.21
CA LEU B 40 35.00 27.92 -18.21
C LEU B 40 34.92 29.41 -17.88
N MET B 41 35.49 29.79 -16.74
CA MET B 41 35.41 31.17 -16.25
C MET B 41 36.23 32.15 -17.06
N ALA B 42 37.23 31.67 -17.78
CA ALA B 42 37.97 32.55 -18.65
C ALA B 42 37.16 32.83 -19.89
N LEU B 43 36.33 31.86 -20.29
CA LEU B 43 35.59 31.97 -21.55
C LEU B 43 34.14 32.45 -21.38
N LEU B 44 33.57 32.24 -20.21
CA LEU B 44 32.16 32.53 -19.98
C LEU B 44 31.86 34.04 -19.94
N THR B 45 30.97 34.48 -20.82
CA THR B 45 30.52 35.89 -20.87
C THR B 45 28.99 35.93 -20.95
N PRO B 46 28.38 37.08 -20.68
CA PRO B 46 26.94 37.17 -20.91
C PRO B 46 26.55 36.83 -22.36
N LEU B 47 27.46 36.94 -23.31
CA LEU B 47 27.09 36.69 -24.71
C LEU B 47 27.01 35.21 -25.08
N ASN B 48 27.66 34.35 -24.32
CA ASN B 48 27.65 32.94 -24.68
C ASN B 48 27.15 32.01 -23.58
N VAL B 49 26.76 32.55 -22.43
CA VAL B 49 26.39 31.73 -21.29
C VAL B 49 25.31 30.70 -21.67
N ASN B 50 24.47 31.08 -22.64
CA ASN B 50 23.38 30.27 -23.12
C ASN B 50 23.50 29.95 -24.59
N CYS B 51 24.73 29.89 -25.12
CA CYS B 51 24.96 29.42 -26.48
C CYS B 51 24.54 27.96 -26.62
N HIS B 52 24.33 27.49 -27.85
CA HIS B 52 24.11 26.07 -28.06
C HIS B 52 25.21 25.55 -28.98
N ALA B 53 25.61 24.29 -28.82
CA ALA B 53 26.45 23.63 -29.82
C ALA B 53 25.79 23.72 -31.20
N SER B 54 26.60 23.67 -32.25
CA SER B 54 26.11 23.78 -33.62
C SER B 54 25.55 22.46 -34.15
N ASP B 55 25.90 21.36 -33.50
CA ASP B 55 25.50 20.03 -33.94
C ASP B 55 25.29 19.12 -32.76
N GLY B 56 25.07 17.83 -33.03
CA GLY B 56 24.75 16.87 -31.99
C GLY B 56 23.39 17.25 -31.43
N ARG B 57 23.28 17.24 -30.11
CA ARG B 57 22.03 17.57 -29.45
C ARG B 57 21.76 19.10 -29.43
N LYS B 58 22.72 19.92 -29.85
CA LYS B 58 22.66 21.37 -29.70
C LYS B 58 22.47 21.77 -28.22
N SER B 59 23.26 21.15 -27.35
CA SER B 59 23.21 21.42 -25.92
C SER B 59 23.77 22.79 -25.58
N THR B 60 23.22 23.41 -24.55
CA THR B 60 23.81 24.58 -23.90
C THR B 60 24.84 24.11 -22.89
N PRO B 61 25.67 25.04 -22.40
CA PRO B 61 26.67 24.66 -21.38
C PRO B 61 26.06 23.99 -20.15
N LEU B 62 24.89 24.48 -19.74
CA LEU B 62 24.19 23.97 -18.57
C LEU B 62 23.68 22.56 -18.79
N HIS B 63 23.18 22.25 -19.99
CA HIS B 63 22.81 20.86 -20.35
C HIS B 63 24.03 19.94 -20.16
N LEU B 64 25.17 20.35 -20.75
CA LEU B 64 26.40 19.55 -20.69
C LEU B 64 26.91 19.40 -19.27
N ALA B 65 26.95 20.49 -18.52
CA ALA B 65 27.44 20.43 -17.13
C ALA B 65 26.52 19.54 -16.30
N ALA B 66 25.22 19.62 -16.56
CA ALA B 66 24.25 18.79 -15.86
C ALA B 66 24.38 17.31 -16.25
N GLY B 67 24.45 17.03 -17.54
CA GLY B 67 24.59 15.65 -18.02
C GLY B 67 25.83 14.90 -17.52
N TYR B 68 26.94 15.63 -17.44
CA TYR B 68 28.24 15.09 -17.08
C TYR B 68 28.58 15.33 -15.63
N ASN B 69 27.59 15.69 -14.81
CA ASN B 69 27.77 15.78 -13.37
C ASN B 69 28.89 16.74 -12.93
N ARG B 70 28.96 17.90 -13.57
CA ARG B 70 29.90 18.95 -13.17
C ARG B 70 29.22 19.95 -12.22
N VAL B 71 29.08 19.56 -10.96
CA VAL B 71 28.28 20.30 -9.96
C VAL B 71 28.72 21.76 -9.80
N ARG B 72 30.02 21.94 -9.71
CA ARG B 72 30.62 23.27 -9.52
C ARG B 72 30.36 24.12 -10.75
N ILE B 73 30.57 23.54 -11.93
CA ILE B 73 30.26 24.24 -13.17
C ILE B 73 28.79 24.60 -13.28
N VAL B 74 27.90 23.68 -12.90
CA VAL B 74 26.45 23.97 -12.86
C VAL B 74 26.21 25.18 -11.97
N GLN B 75 26.79 25.13 -10.77
CA GLN B 75 26.67 26.22 -9.81
C GLN B 75 27.09 27.55 -10.40
N LEU B 76 28.24 27.55 -11.08
CA LEU B 76 28.79 28.77 -11.65
C LEU B 76 27.93 29.26 -12.80
N LEU B 77 27.46 28.34 -13.63
CA LEU B 77 26.63 28.69 -14.75
C LEU B 77 25.35 29.38 -14.29
N LEU B 78 24.72 28.80 -13.27
CA LEU B 78 23.50 29.37 -12.70
C LEU B 78 23.75 30.72 -12.07
N GLN B 79 24.87 30.85 -11.40
CA GLN B 79 25.28 32.12 -10.83
C GLN B 79 25.43 33.24 -11.86
N HIS B 80 25.92 32.89 -13.05
CA HIS B 80 26.24 33.90 -14.05
C HIS B 80 25.26 33.90 -15.22
N GLY B 81 24.00 33.57 -14.96
CA GLY B 81 22.93 33.86 -15.91
C GLY B 81 22.51 32.71 -16.82
N ALA B 82 22.91 31.49 -16.50
CA ALA B 82 22.48 30.32 -17.29
C ALA B 82 20.97 30.13 -17.19
N ASP B 83 20.36 29.74 -18.32
CA ASP B 83 18.91 29.64 -18.43
C ASP B 83 18.48 28.21 -18.20
N VAL B 84 17.80 28.00 -17.09
CA VAL B 84 17.39 26.68 -16.73
C VAL B 84 16.27 26.13 -17.64
N HIS B 85 15.64 27.00 -18.44
CA HIS B 85 14.57 26.58 -19.38
C HIS B 85 15.06 26.42 -20.81
N ALA B 86 16.35 26.55 -21.04
CA ALA B 86 16.88 26.35 -22.38
C ALA B 86 16.65 24.91 -22.83
N LYS B 87 16.46 24.75 -24.14
CA LYS B 87 16.14 23.48 -24.76
C LYS B 87 17.24 22.99 -25.67
N ASP B 88 17.44 21.68 -25.70
CA ASP B 88 18.29 21.08 -26.71
C ASP B 88 17.42 20.76 -27.92
N LYS B 89 18.03 20.15 -28.93
CA LYS B 89 17.35 19.79 -30.17
C LYS B 89 16.09 18.94 -29.99
N GLY B 90 16.04 18.14 -28.92
CA GLY B 90 14.91 17.25 -28.66
C GLY B 90 13.90 17.81 -27.67
N GLY B 91 14.09 19.07 -27.27
CA GLY B 91 13.21 19.68 -26.27
C GLY B 91 13.57 19.40 -24.82
N LEU B 92 14.74 18.80 -24.57
CA LEU B 92 15.20 18.58 -23.19
C LEU B 92 15.70 19.88 -22.60
N VAL B 93 15.37 20.10 -21.34
CA VAL B 93 16.00 21.10 -20.50
C VAL B 93 17.04 20.39 -19.65
N PRO B 94 17.96 21.17 -19.05
CA PRO B 94 19.06 20.57 -18.30
C PRO B 94 18.62 19.60 -17.22
N LEU B 95 17.52 19.88 -16.54
CA LEU B 95 16.95 18.93 -15.58
C LEU B 95 16.79 17.51 -16.16
N HIS B 96 16.37 17.38 -17.41
CA HIS B 96 16.30 16.06 -18.08
C HIS B 96 17.66 15.34 -18.09
N ASN B 97 18.72 16.07 -18.42
CA ASN B 97 20.07 15.52 -18.53
C ASN B 97 20.50 15.01 -17.16
N ALA B 98 20.20 15.79 -16.13
CA ALA B 98 20.61 15.46 -14.79
C ALA B 98 19.88 14.22 -14.33
N CYS B 99 18.57 14.21 -14.54
CA CYS B 99 17.75 13.09 -14.10
C CYS B 99 18.05 11.81 -14.83
N SER B 100 18.20 11.92 -16.15
CA SER B 100 18.52 10.77 -16.99
C SER B 100 19.78 10.03 -16.50
N TYR B 101 20.81 10.78 -16.08
CA TYR B 101 22.07 10.19 -15.68
C TYR B 101 22.29 10.13 -14.17
N GLY B 102 21.24 10.44 -13.40
CA GLY B 102 21.21 10.16 -11.97
C GLY B 102 22.01 11.07 -11.06
N HIS B 103 22.28 12.28 -11.52
CA HIS B 103 23.10 13.24 -10.78
C HIS B 103 22.21 13.98 -9.79
N TYR B 104 22.14 13.40 -8.58
CA TYR B 104 21.26 13.88 -7.53
C TYR B 104 21.49 15.38 -7.26
N GLU B 105 22.75 15.72 -7.02
CA GLU B 105 23.13 17.05 -6.56
C GLU B 105 22.79 18.10 -7.59
N VAL B 106 23.20 17.83 -8.82
CA VAL B 106 22.85 18.69 -9.96
C VAL B 106 21.32 18.89 -9.97
N THR B 107 20.58 17.79 -9.89
CA THR B 107 19.12 17.87 -9.97
C THR B 107 18.58 18.85 -8.94
N GLU B 108 19.05 18.73 -7.70
CA GLU B 108 18.61 19.58 -6.62
C GLU B 108 18.95 21.03 -6.89
N LEU B 109 20.17 21.29 -7.35
CA LEU B 109 20.57 22.65 -7.68
C LEU B 109 19.62 23.24 -8.71
N LEU B 110 19.43 22.51 -9.81
CA LEU B 110 18.61 23.00 -10.89
C LEU B 110 17.20 23.36 -10.40
N LEU B 111 16.64 22.49 -9.56
CA LEU B 111 15.31 22.70 -8.97
C LEU B 111 15.31 23.90 -8.03
N LYS B 112 16.36 24.03 -7.24
CA LYS B 112 16.49 25.21 -6.36
C LYS B 112 16.54 26.52 -7.14
N HIS B 113 17.05 26.49 -8.37
CA HIS B 113 17.01 27.68 -9.23
C HIS B 113 15.81 27.79 -10.17
N GLY B 114 14.75 27.02 -9.89
CA GLY B 114 13.48 27.20 -10.55
C GLY B 114 13.25 26.39 -11.81
N ALA B 115 13.96 25.27 -11.97
CA ALA B 115 13.69 24.38 -13.08
C ALA B 115 12.27 23.82 -12.97
N CYS B 116 11.58 23.70 -14.09
CA CYS B 116 10.21 23.17 -14.10
C CYS B 116 10.23 21.68 -13.96
N VAL B 117 9.69 21.21 -12.86
CA VAL B 117 9.82 19.82 -12.52
C VAL B 117 9.13 18.88 -13.52
N ASN B 118 8.09 19.38 -14.18
CA ASN B 118 7.39 18.57 -15.17
C ASN B 118 7.61 19.07 -16.60
N ALA B 119 8.75 19.69 -16.85
CA ALA B 119 9.10 20.16 -18.19
C ALA B 119 9.01 19.00 -19.16
N MET B 120 8.45 19.24 -20.34
CA MET B 120 8.26 18.19 -21.32
C MET B 120 9.08 18.43 -22.57
N ASP B 121 9.72 17.37 -23.08
CA ASP B 121 10.44 17.44 -24.34
C ASP B 121 9.47 17.20 -25.50
N LEU B 122 9.99 17.08 -26.72
CA LEU B 122 9.12 16.94 -27.87
C LEU B 122 8.25 15.67 -27.81
N TRP B 123 8.68 14.66 -27.04
CA TRP B 123 7.96 13.40 -26.87
C TRP B 123 7.12 13.36 -25.61
N GLN B 124 6.99 14.52 -24.96
CA GLN B 124 6.33 14.67 -23.67
C GLN B 124 6.93 13.78 -22.56
N PHE B 125 8.23 13.51 -22.67
CA PHE B 125 8.95 12.91 -21.55
C PHE B 125 9.26 14.01 -20.57
N THR B 126 9.02 13.74 -19.30
CA THR B 126 9.36 14.66 -18.22
C THR B 126 10.63 14.17 -17.55
N PRO B 127 11.20 15.00 -16.65
CA PRO B 127 12.39 14.53 -15.93
C PRO B 127 12.11 13.23 -15.19
N LEU B 128 10.90 13.08 -14.65
CA LEU B 128 10.53 11.86 -13.93
C LEU B 128 10.48 10.64 -14.84
N HIS B 129 9.99 10.81 -16.05
CA HIS B 129 10.08 9.73 -17.03
C HIS B 129 11.52 9.25 -17.14
N GLU B 130 12.45 10.20 -17.26
CA GLU B 130 13.87 9.90 -17.42
C GLU B 130 14.47 9.22 -16.18
N ALA B 131 14.24 9.79 -15.01
CA ALA B 131 14.73 9.19 -13.79
C ALA B 131 14.16 7.78 -13.57
N ALA B 132 12.85 7.62 -13.77
CA ALA B 132 12.18 6.35 -13.52
C ALA B 132 12.61 5.29 -14.51
N SER B 133 12.67 5.65 -15.78
CA SER B 133 13.01 4.67 -16.84
C SER B 133 14.39 4.07 -16.66
N LYS B 134 15.32 4.89 -16.16
CA LYS B 134 16.71 4.48 -15.94
C LYS B 134 16.98 4.11 -14.49
N ASN B 135 15.92 3.89 -13.71
CA ASN B 135 16.02 3.31 -12.39
C ASN B 135 16.84 4.16 -11.40
N ARG B 136 16.63 5.48 -11.40
CA ARG B 136 17.29 6.37 -10.43
C ARG B 136 16.32 6.67 -9.31
N VAL B 137 16.25 5.77 -8.34
CA VAL B 137 15.19 5.82 -7.32
C VAL B 137 15.26 7.09 -6.51
N GLU B 138 16.47 7.49 -6.17
CA GLU B 138 16.70 8.63 -5.29
C GLU B 138 16.36 9.92 -6.01
N VAL B 139 16.77 10.03 -7.26
CA VAL B 139 16.35 11.17 -8.08
C VAL B 139 14.81 11.22 -8.16
N CYS B 140 14.17 10.07 -8.34
CA CYS B 140 12.71 10.06 -8.40
C CYS B 140 12.11 10.65 -7.13
N SER B 141 12.61 10.18 -6.00
CA SER B 141 12.15 10.67 -4.71
C SER B 141 12.24 12.18 -4.66
N LEU B 142 13.45 12.70 -4.90
CA LEU B 142 13.66 14.14 -4.98
C LEU B 142 12.62 14.77 -5.89
N LEU B 143 12.49 14.26 -7.10
CA LEU B 143 11.60 14.91 -8.06
C LEU B 143 10.18 14.97 -7.52
N LEU B 144 9.75 13.87 -6.89
CA LEU B 144 8.40 13.78 -6.35
C LEU B 144 8.19 14.79 -5.24
N SER B 145 9.23 15.00 -4.43
CA SER B 145 9.22 16.06 -3.41
C SER B 145 9.02 17.44 -3.98
N HIS B 146 9.52 17.69 -5.16
CA HIS B 146 9.31 18.99 -5.78
C HIS B 146 8.04 19.03 -6.64
N GLY B 147 7.20 18.00 -6.52
CA GLY B 147 5.88 18.01 -7.11
C GLY B 147 5.81 17.39 -8.50
N ALA B 148 6.75 16.51 -8.82
CA ALA B 148 6.65 15.70 -10.02
C ALA B 148 5.39 14.84 -9.95
N ASP B 149 4.77 14.63 -11.09
CA ASP B 149 3.49 13.95 -11.19
C ASP B 149 3.74 12.70 -12.04
N PRO B 150 3.81 11.53 -11.39
CA PRO B 150 4.17 10.29 -12.06
C PRO B 150 3.00 9.65 -12.83
N THR B 151 1.85 10.33 -12.94
CA THR B 151 0.78 9.84 -13.81
C THR B 151 0.73 10.58 -15.16
N LEU B 152 1.39 11.74 -15.26
CA LEU B 152 1.50 12.47 -16.54
C LEU B 152 2.04 11.55 -17.61
N VAL B 153 1.40 11.55 -18.78
CA VAL B 153 1.79 10.59 -19.80
C VAL B 153 2.58 11.29 -20.88
N ASN B 154 3.53 10.56 -21.43
CA ASN B 154 4.26 11.00 -22.59
C ASN B 154 3.38 10.82 -23.83
N CYS B 155 3.96 10.98 -25.01
CA CYS B 155 3.19 10.91 -26.25
C CYS B 155 2.84 9.49 -26.67
N HIS B 156 3.33 8.48 -25.94
CA HIS B 156 2.88 7.10 -26.15
C HIS B 156 1.85 6.68 -25.11
N GLY B 157 1.35 7.62 -24.32
CA GLY B 157 0.44 7.32 -23.25
C GLY B 157 1.05 6.52 -22.11
N LYS B 158 2.36 6.63 -21.89
CA LYS B 158 3.03 5.96 -20.77
C LYS B 158 3.44 6.93 -19.66
N SER B 159 2.92 6.72 -18.46
CA SER B 159 3.38 7.46 -17.29
C SER B 159 4.79 7.03 -16.88
N ALA B 160 5.35 7.76 -15.92
CA ALA B 160 6.64 7.40 -15.34
C ALA B 160 6.58 6.06 -14.62
N VAL B 161 5.47 5.83 -13.93
CA VAL B 161 5.27 4.56 -13.25
C VAL B 161 5.33 3.42 -14.25
N ASP B 162 4.76 3.62 -15.45
CA ASP B 162 4.81 2.59 -16.48
C ASP B 162 6.24 2.31 -16.96
N MET B 163 7.10 3.31 -16.91
CA MET B 163 8.49 3.16 -17.38
C MET B 163 9.44 2.57 -16.33
N ALA B 164 9.04 2.59 -15.06
CA ALA B 164 9.83 2.00 -13.97
C ALA B 164 10.19 0.55 -14.30
N PRO B 165 11.49 0.23 -14.43
CA PRO B 165 11.87 -1.13 -14.86
C PRO B 165 11.80 -2.24 -13.79
N THR B 166 11.41 -1.91 -12.55
CA THR B 166 11.26 -2.91 -11.48
C THR B 166 9.96 -2.62 -10.72
N PRO B 167 9.34 -3.66 -10.11
CA PRO B 167 8.15 -3.43 -9.28
C PRO B 167 8.47 -2.67 -8.00
N GLU B 168 9.69 -2.83 -7.51
CA GLU B 168 10.14 -2.12 -6.31
C GLU B 168 10.00 -0.61 -6.53
N LEU B 169 10.59 -0.13 -7.62
CA LEU B 169 10.50 1.26 -8.00
C LEU B 169 9.07 1.72 -8.25
N ARG B 170 8.26 0.88 -8.90
CA ARG B 170 6.85 1.16 -9.10
C ARG B 170 6.15 1.41 -7.77
N GLU B 171 6.42 0.52 -6.84
CA GLU B 171 5.81 0.56 -5.53
C GLU B 171 6.24 1.84 -4.81
N ARG B 172 7.51 2.18 -4.91
CA ARG B 172 8.02 3.39 -4.28
C ARG B 172 7.48 4.69 -4.92
N LEU B 173 7.45 4.74 -6.25
CA LEU B 173 6.86 5.87 -6.97
C LEU B 173 5.42 6.10 -6.52
N THR B 174 4.67 5.01 -6.41
CA THR B 174 3.28 5.08 -6.03
C THR B 174 3.12 5.54 -4.59
N TYR B 175 3.87 4.90 -3.70
CA TYR B 175 3.86 5.27 -2.29
C TYR B 175 4.14 6.75 -2.07
N GLU B 176 5.23 7.24 -2.66
CA GLU B 176 5.62 8.63 -2.41
C GLU B 176 4.59 9.62 -2.94
N PHE B 177 4.05 9.34 -4.12
CA PHE B 177 3.04 10.19 -4.68
C PHE B 177 1.75 10.16 -3.87
N LYS B 178 1.36 8.99 -3.37
CA LYS B 178 0.21 8.93 -2.48
C LYS B 178 0.51 9.74 -1.23
N GLY B 179 1.73 9.60 -0.73
CA GLY B 179 2.12 10.34 0.46
C GLY B 179 2.01 11.84 0.24
N HIS B 180 2.61 12.34 -0.83
CA HIS B 180 2.58 13.77 -1.08
C HIS B 180 1.17 14.27 -1.29
N SER B 181 0.33 13.44 -1.90
CA SER B 181 -1.04 13.83 -2.16
C SER B 181 -1.88 13.85 -0.90
N LEU B 182 -1.66 12.89 -0.01
CA LEU B 182 -2.34 12.90 1.28
C LEU B 182 -2.01 14.18 2.06
N LEU B 183 -0.73 14.57 2.09
CA LEU B 183 -0.34 15.84 2.75
C LEU B 183 -1.13 17.04 2.20
N GLN B 184 -1.15 17.19 0.89
CA GLN B 184 -1.90 18.28 0.27
C GLN B 184 -3.38 18.25 0.65
N ALA B 185 -4.00 17.07 0.53
CA ALA B 185 -5.38 16.95 0.88
C ALA B 185 -5.62 17.37 2.34
N ALA B 186 -4.69 17.01 3.24
CA ALA B 186 -4.81 17.44 4.65
C ALA B 186 -4.74 18.96 4.76
N ARG B 187 -3.81 19.56 4.03
CA ARG B 187 -3.65 21.03 4.03
C ARG B 187 -4.95 21.76 3.67
N GLU B 188 -5.76 21.14 2.80
CA GLU B 188 -7.02 21.72 2.36
C GLU B 188 -8.22 21.19 3.13
N ALA B 189 -7.99 20.37 4.15
CA ALA B 189 -9.09 19.75 4.90
C ALA B 189 -10.13 19.12 3.95
N ASP B 190 -9.64 18.48 2.88
CA ASP B 190 -10.47 17.77 1.90
C ASP B 190 -10.77 16.40 2.46
N LEU B 191 -11.81 16.33 3.28
CA LEU B 191 -12.14 15.13 4.02
C LEU B 191 -12.36 13.92 3.11
N ALA B 192 -13.09 14.12 2.02
CA ALA B 192 -13.40 13.02 1.09
C ALA B 192 -12.12 12.43 0.50
N LYS B 193 -11.21 13.28 0.04
CA LYS B 193 -9.96 12.82 -0.54
C LYS B 193 -9.06 12.09 0.47
N VAL B 194 -8.93 12.65 1.67
CA VAL B 194 -8.20 11.97 2.73
C VAL B 194 -8.87 10.62 3.04
N LYS B 195 -10.19 10.66 3.19
CA LYS B 195 -10.97 9.47 3.54
C LYS B 195 -10.77 8.34 2.52
N LYS B 196 -10.67 8.71 1.25
CA LYS B 196 -10.45 7.74 0.18
C LYS B 196 -9.05 7.10 0.20
N THR B 197 -7.99 7.91 0.26
CA THR B 197 -6.63 7.37 0.23
C THR B 197 -6.37 6.45 1.43
N LEU B 198 -6.98 6.76 2.56
CA LEU B 198 -6.87 5.93 3.75
C LEU B 198 -7.62 4.59 3.64
N ALA B 199 -8.84 4.59 3.11
CA ALA B 199 -9.56 3.31 2.84
C ALA B 199 -8.80 2.33 1.89
N LEU B 200 -7.91 2.88 1.06
CA LEU B 200 -7.01 2.09 0.19
C LEU B 200 -5.84 1.43 0.96
N GLU B 201 -5.62 1.82 2.22
CA GLU B 201 -4.48 1.35 2.99
C GLU B 201 -4.65 -0.12 3.33
N ILE B 202 -3.56 -0.86 3.25
CA ILE B 202 -3.58 -2.29 3.38
C ILE B 202 -4.02 -2.80 4.76
N ILE B 203 -3.85 -1.99 5.80
CA ILE B 203 -4.27 -2.37 7.15
C ILE B 203 -5.77 -2.69 7.21
N ASN B 204 -6.54 -2.03 6.36
CA ASN B 204 -7.99 -2.24 6.28
C ASN B 204 -8.44 -3.26 5.28
N PHE B 205 -7.52 -3.99 4.66
CA PHE B 205 -7.85 -4.97 3.64
C PHE B 205 -8.90 -5.96 4.14
N LYS B 206 -9.86 -6.28 3.27
CA LYS B 206 -10.93 -7.23 3.60
C LYS B 206 -10.80 -8.44 2.73
N GLN B 207 -10.68 -9.60 3.36
CA GLN B 207 -10.82 -10.86 2.64
C GLN B 207 -12.06 -10.77 1.76
N PRO B 208 -11.91 -10.81 0.43
CA PRO B 208 -13.03 -10.59 -0.50
C PRO B 208 -14.34 -11.37 -0.27
N GLN B 209 -14.26 -12.60 0.22
CA GLN B 209 -15.44 -13.42 0.45
C GLN B 209 -15.98 -13.32 1.88
N SER B 210 -15.11 -13.53 2.86
CA SER B 210 -15.50 -13.57 4.25
C SER B 210 -15.52 -12.18 4.90
N HIS B 211 -14.90 -11.21 4.24
CA HIS B 211 -14.79 -9.82 4.71
C HIS B 211 -14.06 -9.64 6.06
N GLU B 212 -13.19 -10.59 6.39
CA GLU B 212 -12.43 -10.47 7.62
C GLU B 212 -11.19 -9.63 7.31
N THR B 213 -10.76 -8.88 8.31
CA THR B 213 -9.52 -8.12 8.28
C THR B 213 -8.42 -8.84 9.05
N ALA B 214 -7.22 -8.25 9.02
CA ALA B 214 -6.07 -8.75 9.71
C ALA B 214 -6.32 -8.82 11.19
N LEU B 215 -7.14 -7.93 11.70
CA LEU B 215 -7.42 -7.92 13.13
C LEU B 215 -8.27 -9.16 13.52
N HIS B 216 -9.22 -9.52 12.67
CA HIS B 216 -10.02 -10.75 12.87
C HIS B 216 -9.08 -11.95 12.86
N CYS B 217 -8.21 -12.03 11.86
CA CYS B 217 -7.23 -13.12 11.76
C CYS B 217 -6.30 -13.20 12.98
N ALA B 218 -5.83 -12.04 13.43
CA ALA B 218 -4.90 -12.00 14.53
C ALA B 218 -5.53 -12.55 15.80
N VAL B 219 -6.74 -12.09 16.11
CA VAL B 219 -7.34 -12.43 17.38
C VAL B 219 -7.83 -13.87 17.42
N ALA B 220 -8.01 -14.47 16.24
CA ALA B 220 -8.39 -15.86 16.11
C ALA B 220 -7.17 -16.79 16.03
N SER B 221 -5.97 -16.22 15.91
CA SER B 221 -4.72 -16.99 15.77
C SER B 221 -4.45 -17.90 16.97
N LEU B 222 -3.90 -19.08 16.69
CA LEU B 222 -3.48 -20.00 17.74
C LEU B 222 -2.00 -19.83 18.11
N HIS B 223 -1.35 -18.79 17.58
CA HIS B 223 0.09 -18.61 17.76
C HIS B 223 0.39 -17.61 18.86
N PRO B 224 1.44 -17.89 19.63
CA PRO B 224 1.66 -17.17 20.89
C PRO B 224 1.89 -15.65 20.80
N LYS B 225 2.28 -15.12 19.65
CA LYS B 225 2.45 -13.67 19.49
C LYS B 225 1.15 -12.95 19.12
N ARG B 226 0.00 -13.60 19.19
CA ARG B 226 -1.22 -12.97 18.70
C ARG B 226 -1.52 -11.64 19.37
N LYS B 227 -1.24 -11.55 20.65
CA LYS B 227 -1.47 -10.34 21.43
C LYS B 227 -0.71 -9.15 20.87
N GLN B 228 0.56 -9.33 20.55
CA GLN B 228 1.43 -8.26 20.02
C GLN B 228 1.04 -7.88 18.62
N VAL B 229 0.67 -8.86 17.80
CA VAL B 229 0.16 -8.60 16.46
C VAL B 229 -1.11 -7.73 16.56
N ALA B 230 -2.04 -8.13 17.43
CA ALA B 230 -3.29 -7.37 17.52
C ALA B 230 -2.99 -5.93 17.95
N GLU B 231 -2.15 -5.79 18.96
CA GLU B 231 -1.78 -4.46 19.48
C GLU B 231 -1.09 -3.61 18.40
N LEU B 232 -0.19 -4.21 17.63
CA LEU B 232 0.42 -3.54 16.52
C LEU B 232 -0.58 -3.12 15.44
N LEU B 233 -1.49 -4.01 15.04
CA LEU B 233 -2.46 -3.69 14.02
C LEU B 233 -3.34 -2.52 14.46
N LEU B 234 -3.70 -2.51 15.73
CA LEU B 234 -4.56 -1.45 16.23
C LEU B 234 -3.77 -0.11 16.30
N ARG B 235 -2.50 -0.18 16.69
CA ARG B 235 -1.61 1.00 16.66
C ARG B 235 -1.50 1.59 15.25
N LYS B 236 -1.59 0.74 14.23
CA LYS B 236 -1.48 1.18 12.84
C LYS B 236 -2.83 1.51 12.24
N GLY B 237 -3.86 1.66 13.05
CA GLY B 237 -5.12 2.13 12.55
C GLY B 237 -6.19 1.09 12.26
N ALA B 238 -5.94 -0.20 12.45
CA ALA B 238 -7.03 -1.18 12.29
C ALA B 238 -8.32 -0.71 12.98
N ASN B 239 -9.44 -0.82 12.29
CA ASN B 239 -10.73 -0.56 12.88
C ASN B 239 -11.11 -1.67 13.87
N VAL B 240 -11.11 -1.30 15.14
CA VAL B 240 -11.33 -2.21 16.23
C VAL B 240 -12.72 -2.90 16.20
N ASN B 241 -13.69 -2.27 15.55
CA ASN B 241 -15.03 -2.80 15.46
C ASN B 241 -15.40 -3.26 14.06
N GLU B 242 -14.41 -3.52 13.21
CA GLU B 242 -14.70 -3.99 11.87
C GLU B 242 -15.54 -5.28 11.88
N LYS B 243 -16.45 -5.37 10.95
CA LYS B 243 -17.35 -6.51 10.86
C LYS B 243 -17.02 -7.38 9.66
N ASN B 244 -17.00 -8.69 9.88
CA ASN B 244 -16.86 -9.65 8.79
C ASN B 244 -18.23 -9.94 8.15
N LYS B 245 -18.30 -10.92 7.26
CA LYS B 245 -19.55 -11.31 6.56
C LYS B 245 -20.74 -11.52 7.51
N ASP B 246 -20.46 -12.15 8.64
CA ASP B 246 -21.51 -12.49 9.60
C ASP B 246 -21.71 -11.37 10.60
N PHE B 247 -21.19 -10.19 10.28
CA PHE B 247 -21.22 -9.01 11.15
C PHE B 247 -20.55 -9.24 12.50
N MET B 248 -19.58 -10.16 12.56
CA MET B 248 -18.81 -10.35 13.78
C MET B 248 -17.65 -9.38 13.83
N THR B 249 -17.41 -8.83 15.00
CA THR B 249 -16.24 -8.03 15.26
C THR B 249 -15.10 -8.94 15.73
N PRO B 250 -13.89 -8.40 15.83
CA PRO B 250 -12.84 -9.21 16.40
C PRO B 250 -13.16 -9.66 17.82
N LEU B 251 -13.92 -8.86 18.56
CA LEU B 251 -14.34 -9.24 19.90
C LEU B 251 -15.20 -10.54 19.85
N HIS B 252 -16.12 -10.64 18.90
CA HIS B 252 -16.96 -11.85 18.79
C HIS B 252 -16.08 -13.07 18.52
N VAL B 253 -15.07 -12.90 17.65
CA VAL B 253 -14.16 -13.97 17.27
C VAL B 253 -13.30 -14.46 18.45
N ALA B 254 -12.70 -13.51 19.19
CA ALA B 254 -11.88 -13.82 20.34
C ALA B 254 -12.68 -14.48 21.45
N ALA B 255 -13.84 -13.91 21.78
CA ALA B 255 -14.68 -14.40 22.85
C ALA B 255 -15.13 -15.84 22.64
N GLU B 256 -15.54 -16.19 21.44
CA GLU B 256 -16.05 -17.54 21.26
C GLU B 256 -14.92 -18.57 21.30
N ARG B 257 -13.68 -18.11 21.10
CA ARG B 257 -12.52 -18.96 21.16
C ARG B 257 -11.82 -18.90 22.51
N ALA B 258 -12.33 -18.08 23.43
CA ALA B 258 -11.64 -17.86 24.72
C ALA B 258 -10.19 -17.37 24.56
N HIS B 259 -9.96 -16.52 23.58
CA HIS B 259 -8.67 -15.86 23.43
C HIS B 259 -8.72 -14.60 24.25
N ASN B 260 -8.57 -14.75 25.56
CA ASN B 260 -8.73 -13.64 26.51
C ASN B 260 -7.66 -12.56 26.37
N ASP B 261 -6.44 -12.94 26.04
CA ASP B 261 -5.35 -11.97 25.94
C ASP B 261 -5.65 -10.88 24.92
N VAL B 262 -6.18 -11.25 23.75
CA VAL B 262 -6.48 -10.28 22.72
C VAL B 262 -7.78 -9.55 23.01
N MET B 263 -8.68 -10.14 23.81
CA MET B 263 -9.88 -9.41 24.21
C MET B 263 -9.49 -8.21 25.03
N GLU B 264 -8.50 -8.38 25.89
CA GLU B 264 -8.00 -7.28 26.69
C GLU B 264 -7.43 -6.15 25.79
N VAL B 265 -6.69 -6.53 24.76
CA VAL B 265 -6.18 -5.55 23.82
C VAL B 265 -7.31 -4.82 23.14
N LEU B 266 -8.29 -5.60 22.66
CA LEU B 266 -9.44 -5.05 22.00
C LEU B 266 -10.18 -4.04 22.89
N HIS B 267 -10.36 -4.39 24.15
CA HIS B 267 -11.03 -3.52 25.12
C HIS B 267 -10.23 -2.24 25.36
N LYS B 268 -8.92 -2.38 25.47
CA LYS B 268 -8.03 -1.26 25.70
C LYS B 268 -8.09 -0.26 24.53
N HIS B 269 -8.45 -0.71 23.33
CA HIS B 269 -8.57 0.18 22.20
C HIS B 269 -10.02 0.54 21.86
N GLY B 270 -10.92 0.44 22.83
CA GLY B 270 -12.30 0.92 22.68
C GLY B 270 -13.25 0.06 21.86
N ALA B 271 -13.03 -1.25 21.82
CA ALA B 271 -14.02 -2.16 21.22
C ALA B 271 -15.41 -1.92 21.83
N LYS B 272 -16.42 -1.88 20.97
CA LYS B 272 -17.79 -1.79 21.43
C LYS B 272 -18.14 -3.15 21.98
N MET B 273 -18.30 -3.23 23.29
CA MET B 273 -18.52 -4.51 23.95
C MET B 273 -19.84 -5.17 23.52
N ASN B 274 -20.83 -4.34 23.23
CA ASN B 274 -22.16 -4.83 22.88
C ASN B 274 -22.47 -4.77 21.38
N ALA B 275 -21.46 -4.86 20.53
CA ALA B 275 -21.75 -4.86 19.09
C ALA B 275 -22.47 -6.16 18.72
N LEU B 276 -23.34 -6.10 17.71
CA LEU B 276 -24.25 -7.20 17.42
C LEU B 276 -23.86 -7.87 16.12
N ASP B 277 -23.84 -9.19 16.13
CA ASP B 277 -23.59 -9.94 14.90
C ASP B 277 -24.91 -10.10 14.14
N SER B 278 -24.90 -10.86 13.05
CA SER B 278 -26.08 -10.96 12.19
C SER B 278 -27.23 -11.67 12.86
N LEU B 279 -27.00 -12.27 14.02
CA LEU B 279 -28.07 -12.90 14.79
C LEU B 279 -28.47 -12.06 15.99
N GLY B 280 -28.03 -10.81 16.04
CA GLY B 280 -28.27 -9.95 17.19
C GLY B 280 -27.53 -10.33 18.46
N GLN B 281 -26.45 -11.13 18.35
CA GLN B 281 -25.74 -11.64 19.51
C GLN B 281 -24.51 -10.78 19.77
N THR B 282 -24.18 -10.59 21.05
CA THR B 282 -22.94 -9.96 21.45
C THR B 282 -21.87 -11.03 21.59
N ALA B 283 -20.67 -10.56 21.82
CA ALA B 283 -19.56 -11.43 22.11
C ALA B 283 -19.88 -12.28 23.36
N LEU B 284 -20.63 -11.71 24.30
CA LEU B 284 -21.05 -12.44 25.51
C LEU B 284 -21.98 -13.63 25.16
N HIS B 285 -22.98 -13.40 24.31
CA HIS B 285 -23.79 -14.51 23.81
C HIS B 285 -22.88 -15.63 23.34
N ARG B 286 -21.85 -15.31 22.56
CA ARG B 286 -21.00 -16.33 21.96
C ARG B 286 -20.14 -17.08 22.99
N ALA B 287 -19.57 -16.34 23.94
CA ALA B 287 -18.81 -16.96 25.02
C ALA B 287 -19.70 -17.82 25.89
N ALA B 288 -20.89 -17.34 26.21
CA ALA B 288 -21.84 -18.09 27.00
C ALA B 288 -22.18 -19.38 26.31
N LEU B 289 -22.45 -19.31 25.02
CA LEU B 289 -22.87 -20.47 24.26
C LEU B 289 -21.74 -21.51 24.19
N ALA B 290 -20.49 -21.04 24.19
CA ALA B 290 -19.35 -21.94 24.15
C ALA B 290 -18.96 -22.46 25.55
N GLY B 291 -19.57 -21.90 26.59
CA GLY B 291 -19.26 -22.31 27.97
C GLY B 291 -17.95 -21.76 28.54
N HIS B 292 -17.41 -20.71 27.93
CA HIS B 292 -16.15 -20.11 28.42
C HIS B 292 -16.37 -19.24 29.63
N LEU B 293 -16.20 -19.80 30.80
CA LEU B 293 -16.59 -19.15 32.05
C LEU B 293 -15.74 -17.88 32.33
N GLN B 294 -14.42 -18.02 32.28
CA GLN B 294 -13.56 -16.88 32.57
C GLN B 294 -13.79 -15.77 31.55
N THR B 295 -13.91 -16.16 30.29
CA THR B 295 -14.26 -15.22 29.24
C THR B 295 -15.53 -14.42 29.50
N CYS B 296 -16.61 -15.08 29.89
CA CYS B 296 -17.83 -14.38 30.29
C CYS B 296 -17.54 -13.41 31.44
N ARG B 297 -16.71 -13.83 32.40
CA ARG B 297 -16.41 -12.96 33.52
C ARG B 297 -15.69 -11.68 33.05
N LEU B 298 -14.74 -11.85 32.14
CA LEU B 298 -13.98 -10.73 31.56
C LEU B 298 -14.88 -9.74 30.85
N LEU B 299 -15.74 -10.27 30.00
CA LEU B 299 -16.67 -9.46 29.22
C LEU B 299 -17.58 -8.65 30.11
N LEU B 300 -18.10 -9.26 31.16
CA LEU B 300 -18.91 -8.52 32.12
C LEU B 300 -18.09 -7.43 32.79
N SER B 301 -16.86 -7.77 33.15
CA SER B 301 -15.98 -6.79 33.78
C SER B 301 -15.69 -5.61 32.84
N TYR B 302 -15.83 -5.83 31.53
CA TYR B 302 -15.60 -4.79 30.55
C TYR B 302 -16.87 -4.01 30.22
N GLY B 303 -17.97 -4.36 30.84
CA GLY B 303 -19.23 -3.66 30.59
C GLY B 303 -20.15 -4.30 29.56
N SER B 304 -20.00 -5.59 29.27
CA SER B 304 -20.97 -6.26 28.39
C SER B 304 -22.31 -6.26 29.12
N ASP B 305 -23.38 -6.14 28.36
CA ASP B 305 -24.73 -6.06 28.91
C ASP B 305 -25.38 -7.45 28.75
N PRO B 306 -25.57 -8.17 29.87
CA PRO B 306 -26.12 -9.52 29.81
C PRO B 306 -27.60 -9.58 29.43
N SER B 307 -28.28 -8.43 29.45
CA SER B 307 -29.72 -8.39 29.21
C SER B 307 -30.09 -8.44 27.72
N ILE B 308 -29.13 -8.21 26.82
CA ILE B 308 -29.44 -8.11 25.39
C ILE B 308 -30.07 -9.41 24.86
N ILE B 309 -31.07 -9.26 24.01
CA ILE B 309 -31.83 -10.38 23.51
C ILE B 309 -31.50 -10.53 22.03
N SER B 310 -31.05 -11.72 21.65
CA SER B 310 -30.71 -11.98 20.25
C SER B 310 -31.96 -11.93 19.37
N LEU B 311 -31.76 -11.86 18.05
CA LEU B 311 -32.89 -11.86 17.10
C LEU B 311 -33.72 -13.14 17.19
N GLN B 312 -33.15 -14.19 17.77
CA GLN B 312 -33.89 -15.43 17.97
C GLN B 312 -34.58 -15.44 19.34
N GLY B 313 -34.40 -14.38 20.13
CA GLY B 313 -35.14 -14.20 21.39
C GLY B 313 -34.44 -14.64 22.67
N PHE B 314 -33.12 -14.81 22.64
CA PHE B 314 -32.36 -15.32 23.81
C PHE B 314 -31.41 -14.33 24.44
N THR B 315 -31.33 -14.34 25.77
CA THR B 315 -30.21 -13.70 26.47
C THR B 315 -29.02 -14.65 26.45
N ALA B 316 -27.85 -14.13 26.81
CA ALA B 316 -26.67 -14.99 26.98
C ALA B 316 -26.95 -16.08 28.00
N ALA B 317 -27.60 -15.73 29.11
CA ALA B 317 -27.88 -16.68 30.18
C ALA B 317 -28.82 -17.80 29.71
N GLN B 318 -29.71 -17.47 28.79
CA GLN B 318 -30.63 -18.44 28.26
C GLN B 318 -29.95 -19.39 27.28
N MET B 319 -28.72 -19.09 26.86
CA MET B 319 -27.98 -19.99 25.97
C MET B 319 -26.91 -20.80 26.68
N GLY B 320 -26.76 -20.59 27.98
CA GLY B 320 -25.60 -21.07 28.68
C GLY B 320 -25.92 -22.17 29.66
N ASN B 321 -24.88 -22.95 29.96
CA ASN B 321 -24.95 -23.96 31.01
C ASN B 321 -25.10 -23.33 32.40
N GLU B 322 -25.27 -24.15 33.44
CA GLU B 322 -25.58 -23.59 34.75
C GLU B 322 -24.39 -22.80 35.31
N ALA B 323 -23.18 -23.27 35.05
CA ALA B 323 -21.97 -22.51 35.43
C ALA B 323 -21.96 -21.09 34.82
N VAL B 324 -22.20 -21.01 33.51
CA VAL B 324 -22.35 -19.72 32.83
C VAL B 324 -23.42 -18.84 33.49
N GLN B 325 -24.59 -19.41 33.75
CA GLN B 325 -25.68 -18.65 34.36
C GLN B 325 -25.31 -18.09 35.72
N GLN B 326 -24.61 -18.89 36.53
CA GLN B 326 -24.12 -18.40 37.81
C GLN B 326 -23.23 -17.16 37.60
N ILE B 327 -22.24 -17.27 36.72
CA ILE B 327 -21.32 -16.15 36.43
C ILE B 327 -22.12 -14.90 36.11
N LEU B 328 -23.14 -15.04 35.27
CA LEU B 328 -23.92 -13.88 34.86
C LEU B 328 -24.78 -13.31 36.00
N SER B 329 -24.94 -14.06 37.09
CA SER B 329 -25.66 -13.56 38.28
C SER B 329 -24.75 -12.73 39.17
N GLU B 330 -23.59 -13.29 39.51
CA GLU B 330 -22.58 -12.61 40.35
C GLU B 330 -21.97 -11.40 39.63
N SER C 13 9.89 -25.59 -28.77
CA SER C 13 9.06 -25.45 -27.54
C SER C 13 8.14 -24.21 -27.58
N PRO C 14 7.19 -24.18 -28.53
CA PRO C 14 6.09 -23.24 -28.37
C PRO C 14 5.10 -23.87 -27.39
N ARG C 15 4.79 -23.17 -26.30
CA ARG C 15 3.90 -23.72 -25.28
C ARG C 15 2.51 -23.87 -25.89
N GLY C 16 1.86 -25.00 -25.62
CA GLY C 16 0.53 -25.27 -26.16
C GLY C 16 -0.60 -24.55 -25.42
N CYS C 17 -1.79 -25.14 -25.46
CA CYS C 17 -2.95 -24.63 -24.74
C CYS C 17 -3.54 -25.75 -23.91
N ALA C 18 -3.85 -25.49 -22.65
CA ALA C 18 -4.52 -26.48 -21.82
C ALA C 18 -5.74 -27.04 -22.55
N ASP C 19 -6.06 -28.31 -22.33
CA ASP C 19 -7.35 -28.87 -22.75
C ASP C 19 -8.44 -28.18 -21.95
N GLY C 20 -9.53 -27.84 -22.63
CA GLY C 20 -10.65 -27.14 -22.01
C GLY C 20 -11.27 -26.08 -22.93
N ARG C 21 -12.30 -25.42 -22.44
CA ARG C 21 -13.06 -24.47 -23.21
C ARG C 21 -13.69 -23.40 -22.32
N ASP C 22 -13.72 -22.17 -22.82
CA ASP C 22 -14.43 -21.07 -22.16
C ASP C 22 -15.89 -21.38 -22.01
N ALA C 23 -16.48 -20.97 -20.90
CA ALA C 23 -17.91 -21.15 -20.70
C ALA C 23 -18.72 -20.34 -21.74
N ASP C 24 -19.91 -20.84 -22.07
CA ASP C 24 -20.87 -20.13 -22.93
C ASP C 24 -20.46 -20.11 -24.40
N SER D 13 11.94 8.92 -37.38
CA SER D 13 12.55 9.93 -36.46
C SER D 13 12.41 9.56 -34.97
N PRO D 14 13.31 8.71 -34.44
CA PRO D 14 13.22 8.21 -33.06
C PRO D 14 13.73 9.21 -32.02
N ARG D 15 13.59 8.88 -30.75
CA ARG D 15 14.05 9.73 -29.67
C ARG D 15 15.48 9.39 -29.33
N GLY D 16 16.34 10.41 -29.25
CA GLY D 16 17.77 10.19 -28.96
C GLY D 16 18.03 10.17 -27.47
N CYS D 17 19.27 10.45 -27.08
CA CYS D 17 19.67 10.44 -25.67
C CYS D 17 20.19 11.80 -25.23
N ALA D 18 19.91 12.19 -24.00
CA ALA D 18 20.51 13.37 -23.43
C ALA D 18 22.05 13.29 -23.50
N ASP D 19 22.70 14.44 -23.64
CA ASP D 19 24.15 14.52 -23.47
C ASP D 19 24.46 14.35 -21.98
N GLY D 20 25.41 13.47 -21.67
CA GLY D 20 25.77 13.15 -20.28
C GLY D 20 26.42 11.79 -20.13
N ARG D 21 26.70 11.40 -18.89
CA ARG D 21 27.27 10.07 -18.57
C ARG D 21 26.83 9.64 -17.18
N ASP D 22 26.72 8.33 -16.98
CA ASP D 22 26.43 7.77 -15.65
C ASP D 22 27.52 8.11 -14.65
N ALA D 23 27.14 8.26 -13.39
CA ALA D 23 28.07 8.61 -12.29
C ALA D 23 29.34 7.77 -12.24
#